data_5F76
#
_entry.id   5F76
#
_cell.length_a   76.810
_cell.length_b   73.910
_cell.length_c   81.290
_cell.angle_alpha   90.00
_cell.angle_beta   102.44
_cell.angle_gamma   90.00
#
_symmetry.space_group_name_H-M   'P 1 21 1'
#
loop_
_entity.id
_entity.type
_entity.pdbx_description
1 polymer 'Methylthioadenosine phosphorylase'
2 non-polymer "5'-DEOXY-5'-METHYLTHIOADENOSINE"
3 non-polymer 'SULFATE ION'
4 water water
#
_entity_poly.entity_id   1
_entity_poly.type   'polypeptide(L)'
_entity_poly.pdbx_seq_one_letter_code
;MGSSHHHHHHSSGLVPRGSHMMSKVKVGIIGGTGFDDPNLFKKVGVRQVTTPFGKPSDTLVEGFVGDVACVVLPRHGKGH
LIPPSEVNYRANVWALKDLGCTHILATNACGSLQEDLVPGDFVVLNQFMDKTWGRENTFYGSKPDSLKGVLHMPMAEPFC
ERTRQILIQAARNKSINVYDKKTMDKSACIHPCVHAEGSAVTINGPRFSTRCESFIHKAMGLDIVNMTLVPEVSLAREAG
LSYASIAIVTDFDCWKSEEEHVCVDMVLEQFRKSVVHVREILLEAVALIGAEDWTKTIEANKALVMSSRQDLLHQGSNDK
;
_entity_poly.pdbx_strand_id   A,B,C
#
loop_
_chem_comp.id
_chem_comp.type
_chem_comp.name
_chem_comp.formula
MTA non-polymer 5'-DEOXY-5'-METHYLTHIOADENOSINE 'C11 H15 N5 O3 S'
SO4 non-polymer 'SULFATE ION' 'O4 S -2'
#
# COMPACT_ATOMS: atom_id res chain seq x y z
N LYS A 24 4.18 -38.12 -9.50
CA LYS A 24 2.75 -38.26 -9.76
C LYS A 24 2.02 -36.99 -9.34
N VAL A 25 0.91 -36.70 -10.00
CA VAL A 25 0.20 -35.45 -9.77
C VAL A 25 -0.84 -35.64 -8.68
N LYS A 26 -1.04 -34.58 -7.91
CA LYS A 26 -2.06 -34.50 -6.86
C LYS A 26 -2.52 -33.05 -6.81
N VAL A 27 -3.83 -32.84 -6.93
CA VAL A 27 -4.38 -31.50 -7.11
C VAL A 27 -5.02 -31.03 -5.82
N GLY A 28 -4.51 -29.95 -5.27
CA GLY A 28 -5.19 -29.26 -4.18
C GLY A 28 -6.14 -28.21 -4.73
N ILE A 29 -7.26 -28.03 -4.02
CA ILE A 29 -8.29 -27.06 -4.37
C ILE A 29 -8.55 -26.15 -3.17
N ILE A 30 -8.44 -24.84 -3.39
CA ILE A 30 -8.77 -23.87 -2.35
C ILE A 30 -10.07 -23.19 -2.76
N GLY A 31 -11.12 -23.40 -1.99
CA GLY A 31 -12.44 -22.86 -2.29
C GLY A 31 -12.70 -21.59 -1.49
N GLY A 32 -13.29 -20.62 -2.16
CA GLY A 32 -13.56 -19.35 -1.51
C GLY A 32 -15.02 -19.17 -1.23
N THR A 33 -15.49 -17.92 -1.35
CA THR A 33 -16.88 -17.61 -1.09
C THR A 33 -17.79 -18.48 -1.95
N GLY A 34 -18.85 -19.00 -1.33
CA GLY A 34 -19.82 -19.79 -2.02
C GLY A 34 -19.41 -21.21 -2.34
N PHE A 35 -18.20 -21.59 -2.07
CA PHE A 35 -17.83 -22.90 -2.46
C PHE A 35 -17.67 -23.84 -1.28
N ASP A 36 -18.44 -23.58 -0.21
CA ASP A 36 -18.42 -24.38 1.00
C ASP A 36 -18.91 -25.83 0.80
N ASP A 37 -19.76 -26.07 -0.18
CA ASP A 37 -20.13 -27.44 -0.54
C ASP A 37 -19.58 -27.75 -1.93
N PRO A 38 -18.30 -28.15 -2.01
CA PRO A 38 -17.72 -28.43 -3.34
C PRO A 38 -18.38 -29.60 -4.03
N ASN A 39 -18.66 -30.68 -3.29
CA ASN A 39 -19.33 -31.86 -3.85
C ASN A 39 -18.61 -32.34 -5.11
N LEU A 40 -17.28 -32.36 -5.04
CA LEU A 40 -16.46 -32.78 -6.16
C LEU A 40 -16.17 -34.28 -6.15
N PHE A 41 -16.25 -34.92 -5.00
CA PHE A 41 -15.98 -36.34 -4.88
C PHE A 41 -16.49 -36.81 -3.52
N LYS A 42 -16.81 -38.10 -3.43
CA LYS A 42 -17.09 -38.69 -2.13
C LYS A 42 -15.80 -38.70 -1.31
N LYS A 43 -15.87 -38.13 -0.10
CA LYS A 43 -14.66 -38.02 0.70
C LYS A 43 -14.14 -39.40 1.10
N VAL A 44 -12.85 -39.61 0.91
CA VAL A 44 -12.19 -40.80 1.42
C VAL A 44 -11.70 -40.59 2.84
N GLY A 45 -11.00 -39.48 3.08
CA GLY A 45 -10.44 -39.20 4.38
C GLY A 45 -10.46 -37.72 4.69
N VAL A 46 -10.19 -37.43 5.96
CA VAL A 46 -10.21 -36.08 6.49
C VAL A 46 -8.94 -35.92 7.31
N ARG A 47 -8.27 -34.78 7.18
CA ARG A 47 -6.98 -34.61 7.85
C ARG A 47 -6.84 -33.22 8.47
N GLN A 48 -6.40 -33.18 9.73
CA GLN A 48 -6.07 -31.93 10.42
C GLN A 48 -4.55 -31.87 10.56
N VAL A 49 -3.95 -30.81 10.04
CA VAL A 49 -2.50 -30.71 10.02
C VAL A 49 -2.06 -29.39 10.65
N THR A 50 -0.77 -29.35 10.99
CA THR A 50 -0.09 -28.10 11.30
C THR A 50 1.05 -27.92 10.32
N THR A 51 1.50 -26.68 10.18
CA THR A 51 2.61 -26.32 9.30
C THR A 51 3.60 -25.51 10.12
N PRO A 52 4.79 -25.22 9.57
CA PRO A 52 5.70 -24.31 10.28
C PRO A 52 5.14 -22.90 10.41
N PHE A 53 4.08 -22.57 9.68
CA PHE A 53 3.50 -21.23 9.70
C PHE A 53 2.13 -21.20 10.36
N GLY A 54 1.79 -22.22 11.13
CA GLY A 54 0.52 -22.30 11.84
C GLY A 54 -0.45 -23.28 11.19
N LYS A 55 -1.67 -23.25 11.67
CA LYS A 55 -2.69 -24.17 11.19
C LYS A 55 -3.41 -23.61 9.96
N PRO A 56 -3.77 -24.47 8.99
CA PRO A 56 -4.55 -23.98 7.85
C PRO A 56 -5.96 -23.58 8.26
N SER A 57 -6.73 -23.06 7.30
CA SER A 57 -8.03 -22.49 7.63
C SER A 57 -8.99 -23.53 8.17
N ASP A 58 -8.84 -24.80 7.79
CA ASP A 58 -9.74 -25.82 8.29
C ASP A 58 -9.14 -27.18 8.04
N THR A 59 -9.89 -28.20 8.43
CA THR A 59 -9.61 -29.58 8.07
C THR A 59 -9.52 -29.72 6.57
N LEU A 60 -8.62 -30.59 6.11
CA LEU A 60 -8.49 -30.87 4.69
C LEU A 60 -9.25 -32.15 4.35
N VAL A 61 -9.99 -32.10 3.24
CA VAL A 61 -10.86 -33.20 2.82
C VAL A 61 -10.24 -33.88 1.61
N GLU A 62 -10.05 -35.19 1.69
CA GLU A 62 -9.27 -35.92 0.71
C GLU A 62 -10.14 -36.91 -0.06
N GLY A 63 -9.78 -37.12 -1.32
CA GLY A 63 -10.44 -38.12 -2.14
C GLY A 63 -9.76 -38.30 -3.47
N PHE A 64 -10.50 -38.72 -4.49
CA PHE A 64 -9.96 -38.96 -5.82
C PHE A 64 -10.95 -38.52 -6.89
N VAL A 65 -10.41 -38.00 -7.98
CA VAL A 65 -11.15 -37.80 -9.22
C VAL A 65 -10.55 -38.79 -10.21
N GLY A 66 -11.27 -39.88 -10.48
CA GLY A 66 -10.65 -40.99 -11.20
C GLY A 66 -9.50 -41.54 -10.39
N ASP A 67 -8.32 -41.62 -11.00
CA ASP A 67 -7.12 -42.05 -10.30
C ASP A 67 -6.35 -40.91 -9.67
N VAL A 68 -6.81 -39.67 -9.83
CA VAL A 68 -6.05 -38.50 -9.44
C VAL A 68 -6.41 -38.12 -8.00
N ALA A 69 -5.41 -38.09 -7.12
CA ALA A 69 -5.63 -37.67 -5.75
C ALA A 69 -5.95 -36.18 -5.70
N CYS A 70 -6.91 -35.82 -4.84
CA CYS A 70 -7.44 -34.47 -4.75
C CYS A 70 -7.68 -34.13 -3.27
N VAL A 71 -7.38 -32.87 -2.90
CA VAL A 71 -7.53 -32.37 -1.53
C VAL A 71 -8.21 -31.01 -1.59
N VAL A 72 -9.25 -30.81 -0.78
CA VAL A 72 -10.02 -29.56 -0.77
C VAL A 72 -9.90 -28.89 0.58
N LEU A 73 -9.70 -27.56 0.59
CA LEU A 73 -9.82 -26.79 1.82
C LEU A 73 -10.56 -25.48 1.59
N PRO A 74 -11.37 -25.04 2.56
CA PRO A 74 -12.04 -23.74 2.43
C PRO A 74 -11.17 -22.60 2.92
N ARG A 75 -10.97 -21.61 2.05
CA ARG A 75 -10.04 -20.52 2.33
C ARG A 75 -10.41 -19.77 3.61
N HIS A 76 -11.70 -19.51 3.81
CA HIS A 76 -12.17 -18.75 4.96
C HIS A 76 -12.65 -19.65 6.10
N GLY A 77 -12.42 -20.96 6.02
CA GLY A 77 -12.84 -21.88 7.05
C GLY A 77 -14.33 -22.13 7.03
N LYS A 78 -14.78 -23.23 7.63
CA LYS A 78 -16.21 -23.50 7.72
C LYS A 78 -16.93 -22.36 8.44
N GLY A 79 -18.03 -21.92 7.86
CA GLY A 79 -18.73 -20.78 8.41
C GLY A 79 -18.22 -19.42 7.94
N HIS A 80 -17.13 -19.38 7.18
CA HIS A 80 -16.60 -18.12 6.63
C HIS A 80 -16.36 -17.11 7.75
N LEU A 81 -15.70 -17.56 8.81
CA LEU A 81 -15.40 -16.69 9.94
C LEU A 81 -14.11 -15.90 9.78
N ILE A 82 -13.28 -16.21 8.79
CA ILE A 82 -11.95 -15.61 8.66
C ILE A 82 -11.98 -14.62 7.50
N PRO A 83 -11.74 -13.34 7.73
CA PRO A 83 -11.78 -12.34 6.64
C PRO A 83 -10.55 -12.47 5.75
N PRO A 84 -10.58 -11.90 4.54
CA PRO A 84 -9.43 -12.04 3.62
C PRO A 84 -8.09 -11.65 4.20
N SER A 85 -8.03 -10.54 4.94
CA SER A 85 -6.74 -10.07 5.45
C SER A 85 -6.15 -11.02 6.50
N GLU A 86 -6.97 -11.88 7.11
CA GLU A 86 -6.52 -12.72 8.22
C GLU A 86 -6.33 -14.17 7.85
N VAL A 87 -6.69 -14.57 6.62
CA VAL A 87 -6.46 -15.94 6.17
C VAL A 87 -4.99 -16.28 6.29
N ASN A 88 -4.70 -17.47 6.81
CA ASN A 88 -3.32 -17.93 6.86
C ASN A 88 -2.97 -18.57 5.51
N TYR A 89 -2.64 -17.71 4.54
CA TYR A 89 -2.28 -18.19 3.20
C TYR A 89 -1.04 -19.08 3.24
N ARG A 90 -0.03 -18.71 4.05
CA ARG A 90 1.18 -19.52 4.14
C ARG A 90 0.86 -20.94 4.61
N ALA A 91 0.05 -21.07 5.67
CA ALA A 91 -0.28 -22.40 6.18
C ALA A 91 -1.11 -23.19 5.17
N ASN A 92 -2.09 -22.54 4.52
CA ASN A 92 -2.93 -23.23 3.54
C ASN A 92 -2.09 -23.80 2.40
N VAL A 93 -1.21 -22.97 1.82
CA VAL A 93 -0.37 -23.43 0.72
C VAL A 93 0.62 -24.48 1.20
N TRP A 94 1.27 -24.25 2.33
CA TRP A 94 2.27 -25.21 2.80
C TRP A 94 1.63 -26.53 3.19
N ALA A 95 0.42 -26.49 3.76
CA ALA A 95 -0.26 -27.74 4.09
C ALA A 95 -0.47 -28.59 2.83
N LEU A 96 -0.85 -27.94 1.73
CA LEU A 96 -1.07 -28.67 0.49
C LEU A 96 0.24 -29.18 -0.10
N LYS A 97 1.30 -28.36 -0.03
CA LYS A 97 2.63 -28.84 -0.42
C LYS A 97 3.03 -30.07 0.38
N ASP A 98 2.81 -30.04 1.70
CA ASP A 98 3.21 -31.15 2.56
C ASP A 98 2.43 -32.42 2.28
N LEU A 99 1.20 -32.31 1.77
CA LEU A 99 0.47 -33.49 1.35
C LEU A 99 0.91 -33.99 -0.02
N GLY A 100 1.94 -33.38 -0.60
CA GLY A 100 2.42 -33.79 -1.90
C GLY A 100 1.62 -33.32 -3.08
N CYS A 101 0.79 -32.27 -2.90
CA CYS A 101 0.14 -31.65 -4.05
C CYS A 101 1.18 -31.13 -5.02
N THR A 102 0.90 -31.29 -6.31
CA THR A 102 1.73 -30.69 -7.35
C THR A 102 1.07 -29.46 -7.95
N HIS A 103 -0.25 -29.36 -7.84
CA HIS A 103 -1.04 -28.26 -8.38
C HIS A 103 -1.99 -27.75 -7.32
N ILE A 104 -2.37 -26.47 -7.44
CA ILE A 104 -3.45 -25.89 -6.67
C ILE A 104 -4.38 -25.16 -7.64
N LEU A 105 -5.68 -25.47 -7.57
CA LEU A 105 -6.71 -24.74 -8.28
C LEU A 105 -7.49 -23.93 -7.27
N ALA A 106 -7.72 -22.65 -7.58
CA ALA A 106 -8.39 -21.74 -6.65
C ALA A 106 -9.62 -21.11 -7.28
N THR A 107 -10.67 -20.93 -6.48
CA THR A 107 -11.81 -20.10 -6.85
C THR A 107 -11.75 -18.79 -6.06
N ASN A 108 -12.21 -17.71 -6.70
CA ASN A 108 -12.20 -16.38 -6.09
C ASN A 108 -13.40 -15.59 -6.61
N ALA A 109 -14.30 -15.18 -5.70
CA ALA A 109 -15.39 -14.30 -6.09
C ALA A 109 -14.86 -12.88 -6.34
N CYS A 110 -15.41 -12.20 -7.36
CA CYS A 110 -14.84 -10.91 -7.70
C CYS A 110 -15.92 -9.97 -8.24
N GLY A 111 -15.56 -8.70 -8.33
CA GLY A 111 -16.40 -7.68 -8.93
C GLY A 111 -15.82 -7.28 -10.27
N SER A 112 -16.68 -7.03 -11.25
CA SER A 112 -16.21 -6.64 -12.56
C SER A 112 -15.99 -5.13 -12.67
N LEU A 113 -14.89 -4.76 -13.33
CA LEU A 113 -14.59 -3.38 -13.70
C LEU A 113 -14.88 -3.08 -15.16
N GLN A 114 -15.44 -4.03 -15.92
CA GLN A 114 -15.52 -3.92 -17.38
C GLN A 114 -16.89 -4.33 -17.88
N GLU A 115 -17.36 -3.65 -18.94
CA GLU A 115 -18.73 -3.82 -19.43
C GLU A 115 -19.02 -5.26 -19.84
N ASP A 116 -18.07 -5.95 -20.44
CA ASP A 116 -18.34 -7.30 -20.96
C ASP A 116 -18.08 -8.42 -19.95
N LEU A 117 -17.65 -8.10 -18.73
CA LEU A 117 -17.49 -9.09 -17.68
C LEU A 117 -18.72 -8.95 -16.79
N VAL A 118 -19.65 -9.89 -16.94
CA VAL A 118 -21.01 -9.77 -16.42
C VAL A 118 -21.19 -10.75 -15.28
N PRO A 119 -21.94 -10.42 -14.24
CA PRO A 119 -22.19 -11.42 -13.18
C PRO A 119 -22.66 -12.74 -13.76
N GLY A 120 -22.01 -13.81 -13.34
CA GLY A 120 -22.24 -15.12 -13.90
C GLY A 120 -21.13 -15.59 -14.81
N ASP A 121 -20.30 -14.67 -15.30
CA ASP A 121 -19.13 -15.00 -16.07
C ASP A 121 -18.03 -15.50 -15.15
N PHE A 122 -17.06 -16.19 -15.74
CA PHE A 122 -15.86 -16.61 -15.06
C PHE A 122 -14.65 -16.01 -15.78
N VAL A 123 -13.53 -15.91 -15.08
CA VAL A 123 -12.30 -15.39 -15.69
C VAL A 123 -11.15 -16.31 -15.28
N VAL A 124 -10.39 -16.79 -16.25
CA VAL A 124 -9.14 -17.51 -15.98
C VAL A 124 -8.05 -16.44 -15.95
N LEU A 125 -7.74 -15.96 -14.74
CA LEU A 125 -6.84 -14.81 -14.58
C LEU A 125 -5.45 -15.14 -15.11
N ASN A 126 -4.79 -14.13 -15.68
CA ASN A 126 -3.38 -14.26 -16.05
C ASN A 126 -2.49 -13.15 -15.51
N GLN A 127 -3.05 -12.08 -14.94
CA GLN A 127 -2.30 -10.94 -14.42
C GLN A 127 -2.93 -10.44 -13.13
N PHE A 128 -2.14 -9.70 -12.32
CA PHE A 128 -2.71 -9.01 -11.17
C PHE A 128 -1.88 -7.77 -10.81
N MET A 129 -2.55 -6.85 -10.12
CA MET A 129 -1.93 -5.74 -9.41
C MET A 129 -2.25 -5.85 -7.92
N ASP A 130 -1.23 -5.75 -7.08
CA ASP A 130 -1.34 -6.02 -5.66
C ASP A 130 -1.54 -4.72 -4.89
N LYS A 131 -2.65 -4.62 -4.15
CA LYS A 131 -2.86 -3.51 -3.22
C LYS A 131 -3.12 -4.02 -1.81
N THR A 132 -2.65 -5.22 -1.49
CA THR A 132 -2.77 -5.75 -0.15
C THR A 132 -1.56 -5.36 0.70
N TRP A 133 -1.71 -5.50 2.00
CA TRP A 133 -0.67 -5.14 2.95
C TRP A 133 -0.97 -5.87 4.25
N GLY A 134 0.07 -6.00 5.07
CA GLY A 134 -0.07 -6.57 6.39
C GLY A 134 -0.24 -8.07 6.42
N ARG A 135 -0.22 -8.74 5.27
CA ARG A 135 -0.34 -10.18 5.23
C ARG A 135 1.03 -10.81 5.06
N GLU A 136 1.22 -11.98 5.66
CA GLU A 136 2.43 -12.76 5.43
C GLU A 136 2.42 -13.24 4.00
N ASN A 137 3.34 -12.74 3.16
CA ASN A 137 3.29 -13.02 1.74
C ASN A 137 4.50 -13.80 1.24
N THR A 138 5.36 -14.26 2.14
CA THR A 138 6.51 -15.06 1.75
C THR A 138 6.84 -16.03 2.86
N PHE A 139 7.33 -17.21 2.47
CA PHE A 139 7.79 -18.21 3.43
C PHE A 139 9.16 -17.90 4.02
N TYR A 140 9.93 -16.97 3.44
CA TYR A 140 11.34 -16.79 3.72
C TYR A 140 11.61 -15.43 4.35
N GLY A 141 12.59 -15.40 5.25
CA GLY A 141 12.97 -14.13 5.86
C GLY A 141 14.02 -14.31 6.93
N SER A 142 14.21 -13.26 7.74
CA SER A 142 15.21 -13.29 8.80
C SER A 142 14.61 -13.47 10.20
N LYS A 143 13.28 -13.49 10.32
CA LYS A 143 12.60 -13.64 11.60
C LYS A 143 12.35 -15.12 11.92
N PRO A 144 12.14 -15.46 13.20
CA PRO A 144 12.08 -16.89 13.57
C PRO A 144 10.87 -17.62 13.01
N ASP A 145 9.76 -16.94 12.71
CA ASP A 145 8.58 -17.62 12.19
C ASP A 145 8.62 -17.79 10.68
N SER A 146 9.75 -17.56 10.04
CA SER A 146 9.91 -17.79 8.60
C SER A 146 11.09 -18.71 8.37
N LEU A 147 11.15 -19.27 7.16
CA LEU A 147 12.30 -20.07 6.75
C LEU A 147 13.50 -19.18 6.50
N LYS A 148 14.70 -19.70 6.80
CA LYS A 148 15.92 -18.92 6.62
C LYS A 148 16.19 -18.68 5.13
N GLY A 149 16.43 -17.42 4.77
CA GLY A 149 16.84 -17.09 3.41
C GLY A 149 16.14 -15.88 2.85
N VAL A 150 16.58 -15.40 1.68
CA VAL A 150 15.98 -14.29 0.98
C VAL A 150 15.58 -14.79 -0.41
N LEU A 151 14.28 -14.84 -0.67
CA LEU A 151 13.74 -15.41 -1.91
C LEU A 151 13.10 -14.30 -2.73
N HIS A 152 13.68 -14.00 -3.90
CA HIS A 152 13.16 -13.02 -4.85
C HIS A 152 12.67 -13.76 -6.10
N MET A 153 11.33 -14.02 -6.16
CA MET A 153 10.73 -14.87 -7.19
C MET A 153 10.29 -14.04 -8.38
N PRO A 154 10.64 -14.45 -9.61
CA PRO A 154 10.04 -13.82 -10.79
C PRO A 154 8.53 -14.02 -10.79
N MET A 155 7.82 -12.96 -11.19
CA MET A 155 6.35 -13.00 -11.19
C MET A 155 5.77 -12.31 -12.42
N ALA A 156 6.58 -12.11 -13.48
CA ALA A 156 6.09 -11.42 -14.68
C ALA A 156 4.77 -12.01 -15.15
N GLU A 157 4.73 -13.33 -15.32
CA GLU A 157 3.51 -14.10 -15.60
C GLU A 157 3.27 -14.96 -14.39
N PRO A 158 2.44 -14.51 -13.44
CA PRO A 158 2.46 -15.08 -12.09
C PRO A 158 1.77 -16.44 -11.93
N PHE A 159 1.03 -16.93 -12.93
CA PHE A 159 0.35 -18.22 -12.86
C PHE A 159 1.14 -19.29 -13.61
N CYS A 160 0.76 -20.55 -13.41
CA CYS A 160 1.24 -21.64 -14.25
C CYS A 160 0.42 -21.64 -15.54
N GLU A 161 1.09 -21.32 -16.66
CA GLU A 161 0.36 -21.14 -17.92
C GLU A 161 -0.24 -22.46 -18.39
N ARG A 162 0.48 -23.57 -18.19
CA ARG A 162 -0.09 -24.88 -18.55
C ARG A 162 -1.40 -25.11 -17.82
N THR A 163 -1.44 -24.80 -16.52
CA THR A 163 -2.63 -25.05 -15.73
C THR A 163 -3.75 -24.06 -16.08
N ARG A 164 -3.42 -22.81 -16.40
CA ARG A 164 -4.40 -21.88 -16.94
C ARG A 164 -5.09 -22.46 -18.18
N GLN A 165 -4.30 -22.97 -19.13
CA GLN A 165 -4.89 -23.49 -20.36
C GLN A 165 -5.74 -24.73 -20.10
N ILE A 166 -5.38 -25.53 -19.10
CA ILE A 166 -6.21 -26.68 -18.75
C ILE A 166 -7.56 -26.21 -18.23
N LEU A 167 -7.58 -25.13 -17.44
CA LEU A 167 -8.86 -24.59 -16.97
C LEU A 167 -9.73 -24.12 -18.13
N ILE A 168 -9.12 -23.48 -19.15
CA ILE A 168 -9.90 -23.05 -20.29
C ILE A 168 -10.39 -24.25 -21.07
N GLN A 169 -9.52 -25.26 -21.25
CA GLN A 169 -9.92 -26.44 -22.02
C GLN A 169 -11.01 -27.22 -21.31
N ALA A 170 -10.95 -27.26 -19.97
CA ALA A 170 -12.03 -27.89 -19.20
C ALA A 170 -13.36 -27.20 -19.46
N ALA A 171 -13.35 -25.85 -19.52
CA ALA A 171 -14.58 -25.13 -19.84
C ALA A 171 -15.09 -25.54 -21.23
N ARG A 172 -14.20 -25.62 -22.23
CA ARG A 172 -14.63 -26.04 -23.55
CA ARG A 172 -14.63 -26.04 -23.55
C ARG A 172 -15.21 -27.46 -23.53
N ASN A 173 -14.54 -28.38 -22.84
CA ASN A 173 -14.99 -29.76 -22.77
C ASN A 173 -16.34 -29.90 -22.08
N LYS A 174 -16.72 -28.93 -21.23
CA LYS A 174 -18.00 -29.00 -20.53
C LYS A 174 -19.06 -28.12 -21.22
N SER A 175 -18.79 -27.72 -22.46
CA SER A 175 -19.71 -26.92 -23.28
C SER A 175 -20.07 -25.60 -22.59
N ILE A 176 -19.09 -24.95 -21.98
CA ILE A 176 -19.28 -23.62 -21.43
C ILE A 176 -18.61 -22.61 -22.36
N ASN A 177 -19.35 -21.56 -22.73
CA ASN A 177 -18.82 -20.56 -23.64
C ASN A 177 -17.47 -20.05 -23.17
N VAL A 178 -16.53 -19.88 -24.11
CA VAL A 178 -15.23 -19.27 -23.85
C VAL A 178 -15.10 -18.04 -24.75
N TYR A 179 -14.80 -16.90 -24.15
CA TYR A 179 -14.67 -15.64 -24.88
C TYR A 179 -13.25 -15.12 -24.76
N ASP A 180 -12.66 -14.80 -25.90
CA ASP A 180 -11.30 -14.28 -25.99
C ASP A 180 -11.39 -12.93 -26.69
N LYS A 181 -11.25 -11.85 -25.92
CA LYS A 181 -11.45 -10.51 -26.48
C LYS A 181 -10.41 -10.15 -27.54
N LYS A 182 -9.30 -10.88 -27.60
CA LYS A 182 -8.29 -10.64 -28.63
C LYS A 182 -8.72 -11.14 -30.00
N THR A 183 -9.45 -12.26 -30.04
CA THR A 183 -9.75 -12.93 -31.31
C THR A 183 -11.23 -12.93 -31.66
N MET A 184 -12.07 -12.34 -30.81
CA MET A 184 -13.52 -12.40 -30.96
C MET A 184 -14.11 -11.02 -30.74
N ASP A 185 -14.97 -10.59 -31.64
CA ASP A 185 -15.69 -9.34 -31.47
C ASP A 185 -16.59 -9.40 -30.24
N LYS A 186 -16.89 -8.23 -29.66
CA LYS A 186 -17.78 -8.16 -28.50
C LYS A 186 -19.14 -8.81 -28.77
N SER A 187 -19.64 -8.71 -30.00
CA SER A 187 -20.91 -9.34 -30.33
C SER A 187 -20.84 -10.86 -30.26
N ALA A 188 -19.64 -11.43 -30.22
CA ALA A 188 -19.45 -12.86 -30.03
C ALA A 188 -19.36 -13.25 -28.56
N CYS A 189 -19.47 -12.30 -27.64
CA CYS A 189 -19.41 -12.59 -26.21
C CYS A 189 -20.80 -12.98 -25.73
N ILE A 190 -21.03 -14.29 -25.57
CA ILE A 190 -22.33 -14.85 -25.21
C ILE A 190 -22.26 -15.27 -23.76
N HIS A 191 -23.08 -14.65 -22.92
CA HIS A 191 -23.07 -14.91 -21.49
C HIS A 191 -23.97 -16.10 -21.13
N PRO A 192 -23.58 -16.87 -20.10
CA PRO A 192 -22.35 -16.70 -19.33
C PRO A 192 -21.17 -17.30 -20.06
N CYS A 193 -19.99 -16.71 -19.88
CA CYS A 193 -18.80 -17.19 -20.58
C CYS A 193 -17.61 -17.19 -19.62
N VAL A 194 -16.63 -18.02 -19.96
CA VAL A 194 -15.30 -17.99 -19.34
C VAL A 194 -14.43 -17.08 -20.17
N HIS A 195 -13.93 -16.00 -19.58
CA HIS A 195 -13.01 -15.10 -20.25
C HIS A 195 -11.61 -15.70 -20.22
N ALA A 196 -10.97 -15.77 -21.39
CA ALA A 196 -9.73 -16.52 -21.56
C ALA A 196 -8.51 -15.83 -20.95
N GLU A 197 -8.65 -14.59 -20.50
CA GLU A 197 -7.57 -13.83 -19.89
C GLU A 197 -8.20 -12.75 -19.03
N GLY A 198 -7.40 -12.21 -18.11
CA GLY A 198 -7.89 -11.11 -17.31
C GLY A 198 -6.95 -10.76 -16.17
N SER A 199 -7.00 -9.50 -15.76
CA SER A 199 -6.16 -8.98 -14.69
C SER A 199 -7.02 -8.60 -13.49
N ALA A 200 -6.48 -8.89 -12.30
CA ALA A 200 -7.15 -8.66 -11.03
C ALA A 200 -6.37 -7.63 -10.21
N VAL A 201 -7.08 -6.68 -9.60
CA VAL A 201 -6.51 -5.91 -8.49
C VAL A 201 -6.97 -6.56 -7.20
N THR A 202 -6.04 -6.91 -6.33
CA THR A 202 -6.35 -7.50 -5.04
C THR A 202 -6.27 -6.39 -4.00
N ILE A 203 -7.42 -6.06 -3.40
CA ILE A 203 -7.49 -5.04 -2.36
C ILE A 203 -7.53 -5.76 -1.01
N ASN A 204 -7.22 -5.02 0.07
CA ASN A 204 -7.02 -5.72 1.32
C ASN A 204 -8.33 -6.04 2.03
N GLY A 205 -9.40 -5.31 1.77
CA GLY A 205 -10.63 -5.48 2.52
C GLY A 205 -10.50 -4.96 3.95
N PRO A 206 -11.49 -5.26 4.80
CA PRO A 206 -12.68 -5.99 4.37
C PRO A 206 -13.74 -5.12 3.66
N ARG A 207 -13.60 -3.80 3.67
CA ARG A 207 -14.60 -2.97 2.99
C ARG A 207 -14.47 -3.11 1.49
N PHE A 208 -15.56 -2.85 0.79
CA PHE A 208 -15.50 -2.74 -0.66
C PHE A 208 -14.94 -1.36 -1.05
N SER A 209 -14.67 -1.21 -2.35
CA SER A 209 -14.04 0.00 -2.87
C SER A 209 -15.02 1.17 -2.89
N THR A 210 -14.48 2.38 -2.78
CA THR A 210 -15.25 3.57 -3.10
C THR A 210 -15.42 3.67 -4.62
N ARG A 211 -16.36 4.52 -5.04
CA ARG A 211 -16.51 4.78 -6.47
C ARG A 211 -15.23 5.36 -7.06
N CYS A 212 -14.58 6.24 -6.31
CA CYS A 212 -13.31 6.84 -6.73
C CYS A 212 -12.26 5.76 -6.98
N GLU A 213 -12.09 4.84 -6.03
CA GLU A 213 -11.13 3.75 -6.21
C GLU A 213 -11.49 2.87 -7.40
N SER A 214 -12.78 2.56 -7.56
CA SER A 214 -13.21 1.68 -8.65
C SER A 214 -12.89 2.31 -10.02
N PHE A 215 -13.17 3.60 -10.18
CA PHE A 215 -12.84 4.26 -11.44
C PHE A 215 -11.33 4.36 -11.67
N ILE A 216 -10.53 4.52 -10.62
CA ILE A 216 -9.08 4.55 -10.80
C ILE A 216 -8.57 3.18 -11.23
N HIS A 217 -9.09 2.09 -10.63
CA HIS A 217 -8.69 0.75 -11.03
C HIS A 217 -9.11 0.46 -12.46
N LYS A 218 -10.31 0.91 -12.85
CA LYS A 218 -10.74 0.76 -14.23
C LYS A 218 -9.84 1.55 -15.18
N ALA A 219 -9.44 2.77 -14.80
CA ALA A 219 -8.60 3.57 -15.69
C ALA A 219 -7.21 2.95 -15.86
N MET A 220 -6.74 2.20 -14.88
CA MET A 220 -5.46 1.49 -14.98
C MET A 220 -5.53 0.26 -15.89
N GLY A 221 -6.73 -0.12 -16.36
CA GLY A 221 -6.91 -1.25 -17.25
C GLY A 221 -7.18 -2.59 -16.57
N LEU A 222 -7.49 -2.59 -15.28
CA LEU A 222 -7.75 -3.85 -14.59
C LEU A 222 -9.16 -4.35 -14.90
N ASP A 223 -9.34 -5.66 -14.85
CA ASP A 223 -10.61 -6.26 -15.26
C ASP A 223 -11.55 -6.57 -14.09
N ILE A 224 -11.02 -7.06 -12.96
CA ILE A 224 -11.81 -7.47 -11.82
C ILE A 224 -11.09 -7.08 -10.54
N VAL A 225 -11.85 -7.01 -9.45
CA VAL A 225 -11.32 -6.69 -8.13
C VAL A 225 -11.75 -7.77 -7.13
N ASN A 226 -10.86 -8.11 -6.20
CA ASN A 226 -11.05 -9.26 -5.32
C ASN A 226 -10.12 -9.06 -4.12
N MET A 227 -10.34 -9.84 -3.05
CA MET A 227 -9.63 -9.64 -1.79
C MET A 227 -8.68 -10.79 -1.42
N THR A 228 -8.64 -11.86 -2.21
CA THR A 228 -7.98 -13.07 -1.73
C THR A 228 -6.93 -13.64 -2.66
N LEU A 229 -6.83 -13.19 -3.91
CA LEU A 229 -5.89 -13.82 -4.85
C LEU A 229 -4.46 -13.76 -4.33
N VAL A 230 -4.06 -12.60 -3.81
CA VAL A 230 -2.71 -12.33 -3.35
C VAL A 230 -2.78 -12.29 -1.83
N PRO A 231 -1.85 -12.99 -1.14
CA PRO A 231 -0.62 -13.58 -1.65
C PRO A 231 -0.72 -15.07 -2.00
N GLU A 232 -1.94 -15.60 -2.13
CA GLU A 232 -2.10 -17.03 -2.41
C GLU A 232 -1.29 -17.45 -3.64
N VAL A 233 -1.44 -16.70 -4.73
CA VAL A 233 -0.76 -17.05 -5.98
C VAL A 233 0.76 -16.97 -5.80
N SER A 234 1.25 -16.00 -5.01
CA SER A 234 2.69 -15.84 -4.87
C SER A 234 3.30 -16.99 -4.06
N LEU A 235 2.65 -17.33 -2.96
CA LEU A 235 3.12 -18.43 -2.12
C LEU A 235 3.06 -19.77 -2.84
N ALA A 236 2.07 -19.95 -3.71
CA ALA A 236 2.05 -21.18 -4.50
C ALA A 236 3.34 -21.34 -5.29
N ARG A 237 3.79 -20.27 -5.96
CA ARG A 237 5.03 -20.34 -6.74
C ARG A 237 6.26 -20.50 -5.83
N GLU A 238 6.26 -19.84 -4.66
CA GLU A 238 7.34 -20.07 -3.70
C GLU A 238 7.40 -21.54 -3.29
N ALA A 239 6.24 -22.19 -3.18
CA ALA A 239 6.19 -23.59 -2.76
C ALA A 239 6.53 -24.56 -3.88
N GLY A 240 6.83 -24.05 -5.09
CA GLY A 240 7.12 -24.91 -6.21
C GLY A 240 5.90 -25.59 -6.78
N LEU A 241 4.72 -24.98 -6.65
CA LEU A 241 3.46 -25.57 -7.10
C LEU A 241 2.90 -24.81 -8.29
N SER A 242 2.28 -25.53 -9.23
CA SER A 242 1.57 -24.92 -10.34
C SER A 242 0.18 -24.47 -9.87
N TYR A 243 -0.11 -23.17 -10.02
CA TYR A 243 -1.32 -22.55 -9.49
C TYR A 243 -2.11 -21.86 -10.60
N ALA A 244 -3.43 -22.01 -10.58
CA ALA A 244 -4.28 -21.23 -11.46
C ALA A 244 -5.57 -20.94 -10.73
N SER A 245 -6.13 -19.75 -10.98
CA SER A 245 -7.36 -19.29 -10.34
C SER A 245 -8.47 -19.18 -11.36
N ILE A 246 -9.68 -19.56 -10.97
CA ILE A 246 -10.86 -19.25 -11.75
C ILE A 246 -11.68 -18.27 -10.94
N ALA A 247 -11.78 -17.04 -11.46
CA ALA A 247 -12.51 -15.98 -10.78
C ALA A 247 -13.99 -16.04 -11.19
N ILE A 248 -14.88 -15.97 -10.20
CA ILE A 248 -16.32 -15.99 -10.46
C ILE A 248 -16.82 -14.55 -10.34
N VAL A 249 -17.31 -14.00 -11.43
CA VAL A 249 -17.83 -12.63 -11.42
C VAL A 249 -19.16 -12.66 -10.68
N THR A 250 -19.21 -12.08 -9.48
CA THR A 250 -20.45 -12.07 -8.69
C THR A 250 -21.15 -10.72 -8.71
N ASP A 251 -20.51 -9.68 -9.22
CA ASP A 251 -21.09 -8.35 -9.18
C ASP A 251 -20.32 -7.45 -10.13
N PHE A 252 -20.95 -6.35 -10.50
CA PHE A 252 -20.21 -5.22 -11.01
C PHE A 252 -19.71 -4.44 -9.82
N ASP A 253 -18.42 -4.12 -9.82
CA ASP A 253 -17.93 -3.20 -8.82
C ASP A 253 -18.62 -1.84 -9.03
N CYS A 254 -18.51 -0.97 -8.03
CA CYS A 254 -19.42 0.17 -7.96
C CYS A 254 -19.14 1.28 -8.97
N TRP A 255 -18.28 1.13 -9.97
CA TRP A 255 -18.20 2.11 -11.06
C TRP A 255 -19.50 2.20 -11.83
N LYS A 256 -20.34 1.17 -11.80
CA LYS A 256 -21.64 1.19 -12.46
C LYS A 256 -22.74 1.69 -11.52
N HIS A 261 -25.46 -2.36 -6.97
CA HIS A 261 -24.41 -1.98 -6.02
C HIS A 261 -23.95 -3.20 -5.24
N VAL A 262 -22.63 -3.44 -5.22
CA VAL A 262 -22.11 -4.66 -4.61
C VAL A 262 -22.39 -4.65 -3.12
N CYS A 263 -22.81 -5.80 -2.61
CA CYS A 263 -22.93 -6.07 -1.17
C CYS A 263 -22.88 -7.57 -0.98
N VAL A 264 -22.83 -7.99 0.29
CA VAL A 264 -22.66 -9.41 0.61
C VAL A 264 -23.79 -10.24 0.00
N ASP A 265 -25.04 -9.85 0.25
CA ASP A 265 -26.16 -10.67 -0.22
C ASP A 265 -26.15 -10.79 -1.74
N MET A 266 -25.80 -9.72 -2.45
CA MET A 266 -25.67 -9.78 -3.90
C MET A 266 -24.62 -10.80 -4.32
N VAL A 267 -23.47 -10.80 -3.64
CA VAL A 267 -22.39 -11.73 -4.02
C VAL A 267 -22.83 -13.17 -3.81
N LEU A 268 -23.42 -13.47 -2.65
CA LEU A 268 -23.79 -14.85 -2.33
C LEU A 268 -24.89 -15.36 -3.26
N GLU A 269 -25.84 -14.51 -3.61
CA GLU A 269 -26.91 -14.90 -4.53
C GLU A 269 -26.37 -15.28 -5.90
N GLN A 270 -25.44 -14.47 -6.44
CA GLN A 270 -24.90 -14.78 -7.77
C GLN A 270 -24.04 -16.04 -7.71
N PHE A 271 -23.20 -16.19 -6.68
CA PHE A 271 -22.39 -17.40 -6.61
C PHE A 271 -23.27 -18.64 -6.58
N ARG A 272 -24.44 -18.54 -5.93
CA ARG A 272 -25.40 -19.64 -5.91
C ARG A 272 -25.79 -20.08 -7.32
N LYS A 273 -25.95 -19.11 -8.23
CA LYS A 273 -26.38 -19.43 -9.58
C LYS A 273 -25.24 -19.97 -10.44
N SER A 274 -23.99 -19.74 -10.02
CA SER A 274 -22.80 -20.08 -10.79
C SER A 274 -22.04 -21.30 -10.30
N VAL A 275 -22.30 -21.77 -9.07
CA VAL A 275 -21.45 -22.80 -8.47
C VAL A 275 -21.51 -24.13 -9.24
N VAL A 276 -22.64 -24.44 -9.87
CA VAL A 276 -22.74 -25.69 -10.64
C VAL A 276 -21.67 -25.71 -11.74
N HIS A 277 -21.45 -24.58 -12.39
CA HIS A 277 -20.43 -24.52 -13.43
C HIS A 277 -19.04 -24.57 -12.84
N VAL A 278 -18.81 -23.93 -11.69
CA VAL A 278 -17.51 -24.00 -11.05
C VAL A 278 -17.11 -25.45 -10.80
N ARG A 279 -18.05 -26.23 -10.26
CA ARG A 279 -17.78 -27.65 -10.00
C ARG A 279 -17.39 -28.40 -11.26
N GLU A 280 -18.18 -28.23 -12.33
CA GLU A 280 -17.88 -28.94 -13.59
C GLU A 280 -16.49 -28.62 -14.10
N ILE A 281 -16.11 -27.34 -14.07
CA ILE A 281 -14.79 -26.94 -14.57
C ILE A 281 -13.67 -27.55 -13.73
N LEU A 282 -13.77 -27.41 -12.40
CA LEU A 282 -12.73 -27.96 -11.54
C LEU A 282 -12.62 -29.48 -11.71
N LEU A 283 -13.77 -30.18 -11.74
CA LEU A 283 -13.79 -31.63 -11.91
C LEU A 283 -13.09 -32.05 -13.20
N GLU A 284 -13.45 -31.41 -14.32
CA GLU A 284 -12.81 -31.75 -15.59
C GLU A 284 -11.34 -31.33 -15.58
N ALA A 285 -11.01 -30.21 -14.93
CA ALA A 285 -9.63 -29.77 -14.89
C ALA A 285 -8.72 -30.78 -14.18
N VAL A 286 -9.18 -31.33 -13.04
CA VAL A 286 -8.37 -32.31 -12.32
C VAL A 286 -8.08 -33.52 -13.21
N ALA A 287 -9.11 -34.05 -13.87
CA ALA A 287 -8.89 -35.17 -14.77
C ALA A 287 -7.92 -34.80 -15.89
N LEU A 288 -8.06 -33.61 -16.45
CA LEU A 288 -7.18 -33.20 -17.55
C LEU A 288 -5.74 -33.04 -17.08
N ILE A 289 -5.54 -32.53 -15.86
CA ILE A 289 -4.19 -32.47 -15.28
C ILE A 289 -3.60 -33.87 -15.19
N GLY A 290 -4.36 -34.81 -14.64
CA GLY A 290 -3.86 -36.17 -14.46
C GLY A 290 -3.54 -36.89 -15.76
N ALA A 291 -4.07 -36.39 -16.89
CA ALA A 291 -3.87 -37.09 -18.15
C ALA A 291 -2.54 -36.76 -18.81
N GLU A 292 -1.77 -35.82 -18.26
CA GLU A 292 -0.53 -35.38 -18.89
C GLU A 292 0.65 -35.62 -17.94
N ASP A 293 1.84 -35.65 -18.54
CA ASP A 293 3.09 -35.77 -17.80
C ASP A 293 3.59 -34.39 -17.39
N TRP A 294 3.86 -34.22 -16.09
CA TRP A 294 4.25 -32.93 -15.54
C TRP A 294 5.70 -32.94 -15.05
N THR A 295 6.48 -33.97 -15.37
CA THR A 295 7.81 -34.13 -14.79
C THR A 295 8.69 -32.89 -15.01
N LYS A 296 8.79 -32.41 -16.25
CA LYS A 296 9.66 -31.28 -16.53
C LYS A 296 9.14 -29.99 -15.88
N THR A 297 7.83 -29.76 -15.93
CA THR A 297 7.25 -28.56 -15.32
C THR A 297 7.53 -28.53 -13.82
N ILE A 298 7.29 -29.65 -13.14
CA ILE A 298 7.53 -29.72 -11.70
C ILE A 298 9.00 -29.47 -11.39
N GLU A 299 9.90 -30.09 -12.16
CA GLU A 299 11.34 -29.84 -11.95
C GLU A 299 11.68 -28.37 -12.14
N ALA A 300 11.02 -27.70 -13.09
CA ALA A 300 11.30 -26.29 -13.33
C ALA A 300 10.69 -25.41 -12.24
N ASN A 301 9.48 -25.74 -11.76
CA ASN A 301 8.94 -25.07 -10.58
C ASN A 301 9.93 -25.14 -9.42
N LYS A 302 10.46 -26.33 -9.14
CA LYS A 302 11.39 -26.48 -8.03
C LYS A 302 12.71 -25.75 -8.29
N ALA A 303 13.23 -25.83 -9.52
CA ALA A 303 14.48 -25.15 -9.80
C ALA A 303 14.33 -23.65 -9.70
N LEU A 304 13.15 -23.12 -10.04
CA LEU A 304 12.91 -21.68 -9.95
C LEU A 304 13.00 -21.18 -8.52
N VAL A 305 12.48 -21.94 -7.56
CA VAL A 305 12.60 -21.57 -6.16
C VAL A 305 14.06 -21.49 -5.75
N MET A 306 14.85 -22.49 -6.15
CA MET A 306 16.23 -22.55 -5.70
C MET A 306 17.08 -21.44 -6.34
N SER A 307 16.81 -21.10 -7.61
CA SER A 307 17.59 -20.05 -8.26
C SER A 307 17.19 -18.64 -7.83
N SER A 308 16.11 -18.49 -7.06
CA SER A 308 15.68 -17.20 -6.53
C SER A 308 16.21 -16.93 -5.13
N ARG A 309 17.02 -17.83 -4.56
CA ARG A 309 17.60 -17.64 -3.22
C ARG A 309 18.86 -16.78 -3.33
N GLN A 310 18.73 -15.48 -3.03
CA GLN A 310 19.88 -14.59 -3.12
C GLN A 310 20.93 -14.92 -2.07
N ASP A 311 20.49 -15.35 -0.88
CA ASP A 311 21.43 -15.68 0.18
C ASP A 311 22.34 -16.86 -0.16
N LEU A 312 21.95 -17.72 -1.10
CA LEU A 312 22.81 -18.82 -1.52
C LEU A 312 23.66 -18.48 -2.73
N LEU A 313 23.23 -17.53 -3.55
CA LEU A 313 23.97 -17.14 -4.76
C LEU A 313 24.98 -16.05 -4.43
N LYS B 24 34.52 17.84 10.74
CA LYS B 24 33.49 18.63 10.04
C LYS B 24 32.53 17.75 9.23
N VAL B 25 33.04 17.07 8.21
CA VAL B 25 32.21 16.18 7.41
C VAL B 25 32.71 14.75 7.57
N LYS B 26 31.77 13.82 7.46
CA LYS B 26 32.06 12.39 7.54
C LYS B 26 30.97 11.70 6.74
N VAL B 27 31.35 10.86 5.80
CA VAL B 27 30.40 10.31 4.83
C VAL B 27 30.10 8.87 5.18
N GLY B 28 28.81 8.58 5.42
CA GLY B 28 28.35 7.22 5.58
C GLY B 28 27.96 6.63 4.23
N ILE B 29 28.14 5.33 4.08
CA ILE B 29 27.79 4.63 2.85
C ILE B 29 26.99 3.39 3.22
N ILE B 30 25.81 3.25 2.62
CA ILE B 30 24.97 2.06 2.76
C ILE B 30 25.02 1.33 1.44
N GLY B 31 25.61 0.13 1.45
CA GLY B 31 25.76 -0.66 0.23
C GLY B 31 24.69 -1.72 0.15
N GLY B 32 24.09 -1.84 -1.04
CA GLY B 32 23.03 -2.82 -1.21
C GLY B 32 23.56 -4.11 -1.82
N THR B 33 22.74 -4.72 -2.68
CA THR B 33 23.18 -5.87 -3.46
C THR B 33 24.50 -5.56 -4.13
N GLY B 34 25.41 -6.55 -4.16
CA GLY B 34 26.74 -6.32 -4.67
C GLY B 34 27.69 -5.68 -3.70
N PHE B 35 27.19 -5.17 -2.57
CA PHE B 35 28.01 -4.52 -1.56
C PHE B 35 27.85 -5.20 -0.21
N ASP B 36 27.58 -6.50 -0.20
CA ASP B 36 27.48 -7.22 1.06
C ASP B 36 28.84 -7.25 1.77
N ASP B 37 29.94 -7.23 1.03
CA ASP B 37 31.27 -6.94 1.57
C ASP B 37 31.83 -5.74 0.80
N PRO B 38 31.76 -4.54 1.37
CA PRO B 38 31.98 -3.31 0.57
C PRO B 38 33.35 -3.20 -0.09
N ASN B 39 34.42 -3.58 0.62
CA ASN B 39 35.79 -3.60 0.08
C ASN B 39 36.21 -2.22 -0.43
N LEU B 40 35.91 -1.17 0.33
CA LEU B 40 35.98 0.19 -0.21
C LEU B 40 37.24 0.95 0.17
N PHE B 41 37.75 0.76 1.38
CA PHE B 41 38.92 1.48 1.88
C PHE B 41 39.54 0.65 3.00
N LYS B 42 40.74 1.05 3.42
CA LYS B 42 41.41 0.33 4.50
C LYS B 42 40.62 0.42 5.80
N LYS B 43 40.33 -0.73 6.38
CA LYS B 43 39.64 -0.78 7.66
C LYS B 43 40.49 -0.15 8.76
N VAL B 44 39.95 0.84 9.44
CA VAL B 44 40.59 1.44 10.62
C VAL B 44 39.93 0.97 11.90
N GLY B 45 38.59 1.04 11.95
CA GLY B 45 37.87 0.61 13.13
C GLY B 45 36.60 -0.13 12.72
N VAL B 46 36.24 -1.12 13.53
CA VAL B 46 35.02 -1.90 13.36
C VAL B 46 34.13 -1.62 14.55
N ARG B 47 32.92 -1.13 14.29
CA ARG B 47 32.02 -0.72 15.36
C ARG B 47 30.86 -1.71 15.46
N GLN B 48 30.69 -2.27 16.65
CA GLN B 48 29.53 -3.09 16.98
C GLN B 48 28.64 -2.22 17.86
N VAL B 49 27.54 -1.73 17.32
CA VAL B 49 26.76 -0.72 18.02
C VAL B 49 25.31 -1.15 18.13
N THR B 50 24.60 -0.48 19.03
CA THR B 50 23.15 -0.51 19.02
C THR B 50 22.63 0.92 19.03
N THR B 51 21.37 1.06 18.69
CA THR B 51 20.67 2.33 18.60
C THR B 51 19.42 2.23 19.42
N PRO B 52 18.72 3.34 19.66
CA PRO B 52 17.41 3.24 20.35
C PRO B 52 16.36 2.51 19.54
N PHE B 53 16.63 2.16 18.29
CA PHE B 53 15.68 1.44 17.45
C PHE B 53 16.14 0.04 17.12
N GLY B 54 17.20 -0.43 17.74
CA GLY B 54 17.69 -1.79 17.58
C GLY B 54 19.07 -1.82 16.95
N LYS B 55 19.47 -3.02 16.57
CA LYS B 55 20.78 -3.27 15.99
C LYS B 55 20.79 -2.96 14.49
N PRO B 56 21.87 -2.38 13.97
CA PRO B 56 22.01 -2.21 12.52
C PRO B 56 22.21 -3.56 11.84
N SER B 57 22.20 -3.51 10.50
CA SER B 57 22.29 -4.75 9.72
C SER B 57 23.60 -5.48 9.95
N ASP B 58 24.68 -4.77 10.21
CA ASP B 58 25.95 -5.43 10.49
C ASP B 58 26.82 -4.47 11.29
N THR B 59 28.02 -4.91 11.62
CA THR B 59 29.00 -4.00 12.17
C THR B 59 29.31 -2.93 11.12
N LEU B 60 29.74 -1.76 11.59
CA LEU B 60 30.06 -0.65 10.72
C LEU B 60 31.57 -0.49 10.68
N VAL B 61 32.12 -0.27 9.48
CA VAL B 61 33.57 -0.19 9.29
C VAL B 61 33.94 1.28 9.06
N GLU B 62 34.80 1.80 9.93
CA GLU B 62 35.27 3.19 9.85
C GLU B 62 36.66 3.23 9.22
N GLY B 63 36.89 4.25 8.40
CA GLY B 63 38.20 4.48 7.83
C GLY B 63 38.26 5.83 7.16
N PHE B 64 39.21 5.97 6.25
CA PHE B 64 39.45 7.22 5.54
C PHE B 64 39.49 6.97 4.04
N VAL B 65 38.82 7.83 3.29
CA VAL B 65 38.97 7.92 1.85
C VAL B 65 39.76 9.18 1.55
N GLY B 66 41.01 9.00 1.14
CA GLY B 66 41.92 10.14 1.14
C GLY B 66 42.03 10.68 2.55
N ASP B 67 41.63 11.95 2.74
CA ASP B 67 41.61 12.56 4.06
C ASP B 67 40.21 12.69 4.65
N VAL B 68 39.19 12.08 4.04
CA VAL B 68 37.81 12.21 4.48
C VAL B 68 37.41 10.99 5.29
N ALA B 69 36.86 11.20 6.48
CA ALA B 69 36.38 10.09 7.30
C ALA B 69 35.16 9.45 6.65
N CYS B 70 35.07 8.13 6.75
CA CYS B 70 34.05 7.39 6.01
C CYS B 70 33.63 6.17 6.83
N VAL B 71 32.34 5.83 6.76
CA VAL B 71 31.76 4.68 7.46
C VAL B 71 30.89 3.93 6.46
N VAL B 72 31.04 2.60 6.38
CA VAL B 72 30.29 1.80 5.43
C VAL B 72 29.59 0.65 6.14
N LEU B 73 28.39 0.32 5.69
CA LEU B 73 27.67 -0.86 6.21
C LEU B 73 26.87 -1.50 5.08
N PRO B 74 26.74 -2.83 5.11
CA PRO B 74 25.91 -3.52 4.10
C PRO B 74 24.46 -3.53 4.53
N ARG B 75 23.58 -2.98 3.67
CA ARG B 75 22.17 -2.88 4.00
C ARG B 75 21.56 -4.22 4.41
N HIS B 76 21.95 -5.30 3.73
CA HIS B 76 21.38 -6.63 3.97
C HIS B 76 22.25 -7.50 4.87
N GLY B 77 23.32 -6.96 5.45
CA GLY B 77 24.23 -7.77 6.24
C GLY B 77 25.13 -8.61 5.36
N LYS B 78 26.16 -9.20 6.00
CA LYS B 78 27.26 -9.81 5.27
C LYS B 78 26.80 -10.96 4.38
N GLY B 79 25.86 -11.78 4.85
CA GLY B 79 25.38 -12.88 4.04
C GLY B 79 24.18 -12.57 3.16
N HIS B 80 23.74 -11.31 3.12
CA HIS B 80 22.48 -10.94 2.45
C HIS B 80 21.34 -11.81 2.93
N LEU B 81 21.24 -11.98 4.25
CA LEU B 81 20.16 -12.77 4.83
C LEU B 81 18.94 -11.94 5.20
N ILE B 82 19.03 -10.62 5.11
CA ILE B 82 17.96 -9.72 5.55
C ILE B 82 17.23 -9.21 4.31
N PRO B 83 15.95 -9.52 4.11
CA PRO B 83 15.23 -9.07 2.92
C PRO B 83 14.86 -7.60 3.03
N PRO B 84 14.54 -6.96 1.90
CA PRO B 84 14.26 -5.51 1.94
C PRO B 84 13.22 -5.10 2.97
N SER B 85 12.15 -5.88 3.15
CA SER B 85 11.09 -5.49 4.07
C SER B 85 11.54 -5.51 5.53
N GLU B 86 12.57 -6.27 5.87
CA GLU B 86 12.97 -6.49 7.25
C GLU B 86 14.23 -5.73 7.66
N VAL B 87 14.89 -5.02 6.73
CA VAL B 87 16.05 -4.20 7.08
C VAL B 87 15.67 -3.17 8.13
N ASN B 88 16.53 -3.00 9.14
CA ASN B 88 16.25 -1.98 10.16
C ASN B 88 16.79 -0.65 9.66
N TYR B 89 15.99 0.00 8.81
CA TYR B 89 16.43 1.26 8.22
C TYR B 89 16.69 2.30 9.30
N ARG B 90 15.85 2.31 10.34
CA ARG B 90 16.03 3.27 11.42
C ARG B 90 17.37 3.07 12.11
N ALA B 91 17.74 1.82 12.39
CA ALA B 91 18.98 1.57 13.10
C ALA B 91 20.19 1.86 12.21
N ASN B 92 20.14 1.49 10.93
CA ASN B 92 21.24 1.79 10.03
C ASN B 92 21.51 3.28 9.96
N VAL B 93 20.46 4.08 9.75
CA VAL B 93 20.61 5.53 9.61
C VAL B 93 21.04 6.15 10.94
N TRP B 94 20.39 5.77 12.04
CA TRP B 94 20.74 6.37 13.31
C TRP B 94 22.16 6.01 13.73
N ALA B 95 22.58 4.77 13.45
CA ALA B 95 23.94 4.36 13.79
C ALA B 95 24.96 5.24 13.07
N LEU B 96 24.73 5.52 11.78
CA LEU B 96 25.63 6.40 11.04
C LEU B 96 25.59 7.82 11.59
N LYS B 97 24.41 8.30 11.96
CA LYS B 97 24.31 9.58 12.64
C LYS B 97 25.11 9.60 13.95
N ASP B 98 25.03 8.52 14.73
CA ASP B 98 25.69 8.48 16.02
C ASP B 98 27.21 8.51 15.88
N LEU B 99 27.74 7.99 14.78
CA LEU B 99 29.18 8.02 14.53
C LEU B 99 29.63 9.33 13.90
N GLY B 100 28.73 10.30 13.77
CA GLY B 100 29.12 11.63 13.34
C GLY B 100 29.04 11.88 11.86
N CYS B 101 28.37 11.01 11.10
CA CYS B 101 28.22 11.25 9.67
C CYS B 101 27.36 12.49 9.43
N THR B 102 27.77 13.27 8.45
CA THR B 102 26.98 14.38 7.95
C THR B 102 26.26 14.03 6.64
N HIS B 103 26.73 13.01 5.94
CA HIS B 103 26.23 12.59 4.64
C HIS B 103 26.02 11.09 4.64
N ILE B 104 25.06 10.62 3.83
CA ILE B 104 24.93 9.21 3.51
C ILE B 104 24.84 9.08 1.99
N LEU B 105 25.69 8.22 1.42
CA LEU B 105 25.59 7.79 0.04
C LEU B 105 25.12 6.35 0.03
N ALA B 106 24.12 6.05 -0.81
CA ALA B 106 23.54 4.72 -0.87
C ALA B 106 23.60 4.17 -2.29
N THR B 107 23.77 2.85 -2.40
CA THR B 107 23.57 2.16 -3.67
C THR B 107 22.28 1.35 -3.60
N ASN B 108 21.60 1.23 -4.75
CA ASN B 108 20.32 0.53 -4.82
C ASN B 108 20.24 -0.11 -6.20
N ALA B 109 20.24 -1.46 -6.25
CA ALA B 109 19.99 -2.18 -7.49
C ALA B 109 18.52 -2.03 -7.91
N CYS B 110 18.27 -2.01 -9.22
CA CYS B 110 16.94 -1.67 -9.68
C CYS B 110 16.70 -2.24 -11.08
N GLY B 111 15.43 -2.28 -11.46
CA GLY B 111 15.02 -2.62 -12.82
C GLY B 111 14.55 -1.38 -13.55
N SER B 112 14.82 -1.31 -14.86
CA SER B 112 14.44 -0.17 -15.67
C SER B 112 13.02 -0.29 -16.18
N LEU B 113 12.27 0.80 -16.09
CA LEU B 113 10.94 0.94 -16.68
C LEU B 113 10.95 1.72 -18.01
N GLN B 114 12.13 2.08 -18.54
CA GLN B 114 12.20 2.99 -19.66
C GLN B 114 13.25 2.54 -20.67
N GLU B 115 12.97 2.77 -21.96
CA GLU B 115 13.82 2.23 -23.02
C GLU B 115 15.27 2.75 -22.94
N ASP B 116 15.45 4.00 -22.53
CA ASP B 116 16.78 4.61 -22.51
C ASP B 116 17.59 4.30 -21.25
N LEU B 117 17.02 3.60 -20.28
CA LEU B 117 17.74 3.20 -19.08
C LEU B 117 18.06 1.71 -19.22
N VAL B 118 19.33 1.42 -19.47
CA VAL B 118 19.73 0.09 -19.94
C VAL B 118 20.57 -0.57 -18.86
N PRO B 119 20.46 -1.89 -18.66
CA PRO B 119 21.35 -2.56 -17.69
C PRO B 119 22.80 -2.16 -17.91
N GLY B 120 23.47 -1.80 -16.82
CA GLY B 120 24.79 -1.22 -16.87
C GLY B 120 24.80 0.28 -16.64
N ASP B 121 23.70 0.96 -16.92
CA ASP B 121 23.57 2.37 -16.59
C ASP B 121 23.39 2.54 -15.08
N PHE B 122 23.72 3.74 -14.59
CA PHE B 122 23.38 4.16 -13.24
C PHE B 122 22.43 5.34 -13.30
N VAL B 123 21.73 5.60 -12.19
CA VAL B 123 20.77 6.70 -12.13
C VAL B 123 20.98 7.44 -10.82
N VAL B 124 21.28 8.74 -10.90
CA VAL B 124 21.29 9.60 -9.71
C VAL B 124 19.84 10.07 -9.50
N LEU B 125 19.14 9.36 -8.61
CA LEU B 125 17.72 9.59 -8.42
C LEU B 125 17.44 10.99 -7.88
N ASN B 126 16.31 11.57 -8.30
CA ASN B 126 15.85 12.80 -7.65
C ASN B 126 14.41 12.73 -7.17
N GLN B 127 13.66 11.65 -7.46
CA GLN B 127 12.25 11.55 -7.07
C GLN B 127 11.91 10.10 -6.72
N PHE B 128 10.79 9.90 -6.01
CA PHE B 128 10.30 8.54 -5.80
C PHE B 128 8.80 8.53 -5.59
N MET B 129 8.22 7.35 -5.77
CA MET B 129 6.87 7.02 -5.34
C MET B 129 6.93 5.78 -4.45
N ASP B 130 6.29 5.84 -3.30
CA ASP B 130 6.45 4.89 -2.22
C ASP B 130 5.29 3.90 -2.25
N LYS B 131 5.58 2.61 -2.46
CA LYS B 131 4.59 1.54 -2.31
C LYS B 131 5.02 0.52 -1.24
N THR B 132 5.88 0.92 -0.30
CA THR B 132 6.24 0.03 0.77
C THR B 132 5.17 0.08 1.87
N TRP B 133 5.18 -0.96 2.71
CA TRP B 133 4.32 -1.03 3.88
C TRP B 133 5.02 -1.86 4.94
N GLY B 134 4.58 -1.72 6.18
CA GLY B 134 5.07 -2.56 7.25
C GLY B 134 6.48 -2.28 7.73
N ARG B 135 7.11 -1.20 7.26
CA ARG B 135 8.46 -0.84 7.68
C ARG B 135 8.39 0.35 8.61
N GLU B 136 9.28 0.40 9.60
CA GLU B 136 9.39 1.58 10.44
C GLU B 136 9.96 2.73 9.62
N ASN B 137 9.19 3.79 9.43
CA ASN B 137 9.62 4.83 8.50
C ASN B 137 9.81 6.19 9.15
N THR B 138 9.76 6.25 10.48
CA THR B 138 10.00 7.53 11.16
C THR B 138 10.59 7.25 12.53
N PHE B 139 11.48 8.14 12.96
CA PHE B 139 12.08 8.04 14.27
C PHE B 139 11.13 8.46 15.40
N TYR B 140 10.08 9.22 15.10
CA TYR B 140 9.28 9.89 16.11
C TYR B 140 7.89 9.30 16.21
N GLY B 141 7.34 9.30 17.42
CA GLY B 141 5.96 8.90 17.59
C GLY B 141 5.56 8.90 19.05
N SER B 142 4.48 8.17 19.36
CA SER B 142 3.96 8.14 20.71
C SER B 142 4.20 6.81 21.42
N LYS B 143 4.84 5.85 20.76
CA LYS B 143 5.12 4.53 21.34
C LYS B 143 6.51 4.49 21.95
N PRO B 144 6.75 3.59 22.91
CA PRO B 144 8.02 3.61 23.64
C PRO B 144 9.26 3.36 22.79
N ASP B 145 9.14 2.69 21.64
CA ASP B 145 10.27 2.40 20.78
C ASP B 145 10.55 3.51 19.76
N SER B 146 10.02 4.71 19.97
CA SER B 146 10.31 5.84 19.11
C SER B 146 10.66 7.06 19.96
N LEU B 147 11.25 8.06 19.33
CA LEU B 147 11.50 9.33 20.00
C LEU B 147 10.18 10.06 20.22
N LYS B 148 10.05 10.72 21.36
CA LYS B 148 8.81 11.39 21.70
C LYS B 148 8.65 12.64 20.84
N GLY B 149 7.53 12.75 20.12
CA GLY B 149 7.28 13.88 19.25
C GLY B 149 6.58 13.47 17.96
N VAL B 150 6.17 14.44 17.15
CA VAL B 150 5.55 14.19 15.86
C VAL B 150 6.28 15.01 14.82
N LEU B 151 6.93 14.33 13.87
CA LEU B 151 7.75 14.96 12.85
C LEU B 151 7.07 14.78 11.50
N HIS B 152 6.70 15.90 10.85
CA HIS B 152 6.11 15.89 9.51
C HIS B 152 7.08 16.58 8.55
N MET B 153 7.91 15.77 7.88
CA MET B 153 8.99 16.37 7.08
C MET B 153 8.50 16.69 5.67
N PRO B 154 8.79 17.87 5.13
CA PRO B 154 8.60 18.10 3.69
C PRO B 154 9.54 17.21 2.88
N MET B 155 9.01 16.71 1.76
CA MET B 155 9.72 15.74 0.94
C MET B 155 9.58 16.01 -0.55
N ALA B 156 9.17 17.23 -0.94
CA ALA B 156 8.89 17.53 -2.34
C ALA B 156 10.04 17.14 -3.25
N GLU B 157 11.26 17.56 -2.89
CA GLU B 157 12.50 17.13 -3.51
C GLU B 157 13.28 16.40 -2.42
N PRO B 158 13.19 15.07 -2.35
CA PRO B 158 13.53 14.36 -1.11
C PRO B 158 15.01 14.08 -0.91
N PHE B 159 15.87 14.38 -1.89
CA PHE B 159 17.30 14.16 -1.78
C PHE B 159 18.02 15.47 -1.48
N CYS B 160 19.29 15.34 -1.09
CA CYS B 160 20.15 16.52 -0.97
C CYS B 160 20.74 16.87 -2.34
N GLU B 161 20.39 18.05 -2.86
CA GLU B 161 20.72 18.37 -4.25
C GLU B 161 22.22 18.57 -4.44
N ARG B 162 22.91 19.21 -3.50
CA ARG B 162 24.36 19.34 -3.62
C ARG B 162 25.02 17.98 -3.71
N THR B 163 24.60 17.04 -2.87
CA THR B 163 25.17 15.69 -2.85
C THR B 163 24.81 14.92 -4.13
N ARG B 164 23.60 15.11 -4.65
CA ARG B 164 23.26 14.58 -5.98
C ARG B 164 24.25 15.06 -7.03
N GLN B 165 24.48 16.37 -7.09
CA GLN B 165 25.36 16.91 -8.12
C GLN B 165 26.79 16.41 -7.94
N ILE B 166 27.21 16.14 -6.70
CA ILE B 166 28.53 15.60 -6.47
C ILE B 166 28.65 14.18 -7.02
N LEU B 167 27.61 13.36 -6.86
CA LEU B 167 27.62 12.03 -7.47
C LEU B 167 27.80 12.14 -8.99
N ILE B 168 27.08 13.07 -9.61
CA ILE B 168 27.15 13.28 -11.05
C ILE B 168 28.54 13.77 -11.46
N GLN B 169 29.11 14.72 -10.70
CA GLN B 169 30.45 15.21 -11.02
C GLN B 169 31.48 14.11 -10.84
N ALA B 170 31.27 13.22 -9.88
CA ALA B 170 32.19 12.12 -9.66
C ALA B 170 32.24 11.18 -10.86
N ALA B 171 31.07 10.89 -11.44
CA ALA B 171 31.03 10.13 -12.69
C ALA B 171 31.85 10.81 -13.78
N ARG B 172 31.69 12.13 -13.93
CA ARG B 172 32.46 12.83 -14.95
CA ARG B 172 32.46 12.85 -14.94
C ARG B 172 33.96 12.75 -14.68
N ASN B 173 34.38 13.00 -13.43
CA ASN B 173 35.80 12.96 -13.10
C ASN B 173 36.42 11.59 -13.35
N LYS B 174 35.62 10.53 -13.36
CA LYS B 174 36.09 9.19 -13.59
C LYS B 174 35.83 8.70 -15.01
N SER B 175 35.52 9.62 -15.93
CA SER B 175 35.37 9.31 -17.35
C SER B 175 34.24 8.33 -17.61
N ILE B 176 33.15 8.46 -16.86
CA ILE B 176 31.92 7.71 -17.09
C ILE B 176 30.92 8.66 -17.75
N ASN B 177 30.25 8.17 -18.79
CA ASN B 177 29.26 8.97 -19.52
C ASN B 177 28.17 9.47 -18.59
N VAL B 178 27.83 10.75 -18.74
CA VAL B 178 26.68 11.34 -18.05
C VAL B 178 25.65 11.75 -19.09
N TYR B 179 24.40 11.34 -18.89
CA TYR B 179 23.30 11.69 -19.78
C TYR B 179 22.31 12.55 -19.04
N ASP B 180 22.12 13.78 -19.50
CA ASP B 180 21.20 14.74 -18.89
C ASP B 180 20.07 14.99 -19.90
N LYS B 181 18.93 14.31 -19.68
CA LYS B 181 17.80 14.41 -20.60
C LYS B 181 17.31 15.83 -20.79
N LYS B 182 17.59 16.73 -19.83
CA LYS B 182 17.11 18.10 -19.95
C LYS B 182 17.93 18.91 -20.94
N THR B 183 19.19 18.54 -21.18
CA THR B 183 20.06 19.32 -22.06
C THR B 183 20.64 18.54 -23.24
N MET B 184 20.43 17.23 -23.30
CA MET B 184 21.00 16.42 -24.36
C MET B 184 19.90 15.66 -25.10
N ASP B 185 20.09 15.47 -26.40
CA ASP B 185 19.12 14.76 -27.20
C ASP B 185 19.18 13.25 -26.94
N LYS B 186 18.10 12.56 -27.31
CA LYS B 186 18.02 11.12 -27.09
C LYS B 186 19.16 10.39 -27.79
N SER B 187 19.55 10.85 -28.97
CA SER B 187 20.67 10.25 -29.69
C SER B 187 22.03 10.54 -29.03
N ALA B 188 22.09 11.45 -28.07
CA ALA B 188 23.34 11.71 -27.35
C ALA B 188 23.53 10.76 -26.17
N CYS B 189 22.59 9.86 -25.92
CA CYS B 189 22.65 8.92 -24.80
C CYS B 189 23.55 7.75 -25.18
N ILE B 190 24.75 7.72 -24.62
CA ILE B 190 25.75 6.71 -24.93
C ILE B 190 25.88 5.77 -23.73
N HIS B 191 25.69 4.48 -23.95
CA HIS B 191 25.73 3.53 -22.84
C HIS B 191 27.11 2.89 -22.69
N PRO B 192 27.50 2.53 -21.46
CA PRO B 192 26.78 2.78 -20.20
C PRO B 192 26.92 4.23 -19.75
N CYS B 193 25.86 4.81 -19.18
CA CYS B 193 25.90 6.19 -18.73
C CYS B 193 25.27 6.32 -17.35
N VAL B 194 25.61 7.40 -16.67
CA VAL B 194 24.94 7.83 -15.46
C VAL B 194 23.87 8.84 -15.85
N HIS B 195 22.62 8.54 -15.52
CA HIS B 195 21.53 9.46 -15.82
C HIS B 195 21.46 10.53 -14.73
N ALA B 196 21.45 11.80 -15.15
CA ALA B 196 21.52 12.91 -14.19
C ALA B 196 20.24 13.10 -13.39
N GLU B 197 19.17 12.36 -13.69
CA GLU B 197 17.95 12.41 -12.89
C GLU B 197 17.15 11.13 -13.11
N GLY B 198 16.13 10.93 -12.29
CA GLY B 198 15.26 9.78 -12.40
C GLY B 198 14.32 9.58 -11.22
N SER B 199 13.18 8.94 -11.45
CA SER B 199 12.22 8.64 -10.39
C SER B 199 12.18 7.14 -10.14
N ALA B 200 12.05 6.76 -8.87
CA ALA B 200 12.02 5.37 -8.46
C ALA B 200 10.66 5.04 -7.85
N VAL B 201 10.10 3.90 -8.20
CA VAL B 201 9.03 3.33 -7.40
C VAL B 201 9.68 2.30 -6.48
N THR B 202 9.41 2.43 -5.17
CA THR B 202 9.86 1.44 -4.19
C THR B 202 8.71 0.49 -3.88
N ILE B 203 8.88 -0.77 -4.25
CA ILE B 203 7.91 -1.81 -3.93
C ILE B 203 8.41 -2.59 -2.73
N ASN B 204 7.51 -3.30 -2.05
CA ASN B 204 7.89 -3.88 -0.77
C ASN B 204 8.69 -5.18 -0.94
N GLY B 205 8.54 -5.89 -2.05
CA GLY B 205 9.18 -7.18 -2.22
C GLY B 205 8.53 -8.22 -1.32
N PRO B 206 9.14 -9.43 -1.20
CA PRO B 206 10.37 -9.82 -1.89
C PRO B 206 10.18 -10.18 -3.37
N ARG B 207 8.94 -10.44 -3.80
CA ARG B 207 8.73 -10.85 -5.19
C ARG B 207 8.98 -9.69 -6.15
N PHE B 208 9.38 -10.02 -7.38
CA PHE B 208 9.44 -9.02 -8.44
C PHE B 208 8.02 -8.69 -8.93
N SER B 209 7.90 -7.61 -9.69
CA SER B 209 6.60 -7.15 -10.15
C SER B 209 6.03 -8.07 -11.22
N THR B 210 4.69 -8.10 -11.31
CA THR B 210 4.04 -8.71 -12.47
C THR B 210 4.19 -7.79 -13.67
N ARG B 211 3.90 -8.35 -14.85
CA ARG B 211 3.85 -7.56 -16.08
C ARG B 211 2.83 -6.43 -15.96
N CYS B 212 1.66 -6.74 -15.42
CA CYS B 212 0.61 -5.75 -15.18
C CYS B 212 1.12 -4.60 -14.31
N GLU B 213 1.73 -4.93 -13.17
CA GLU B 213 2.27 -3.88 -12.30
C GLU B 213 3.35 -3.08 -13.00
N SER B 214 4.23 -3.76 -13.75
CA SER B 214 5.34 -3.08 -14.43
C SER B 214 4.82 -2.06 -15.44
N PHE B 215 3.83 -2.44 -16.24
CA PHE B 215 3.24 -1.49 -17.19
C PHE B 215 2.49 -0.37 -16.50
N ILE B 216 1.88 -0.64 -15.34
CA ILE B 216 1.20 0.44 -14.62
C ILE B 216 2.20 1.46 -14.10
N HIS B 217 3.31 1.00 -13.53
CA HIS B 217 4.33 1.94 -13.04
C HIS B 217 4.92 2.74 -14.19
N LYS B 218 5.17 2.06 -15.32
CA LYS B 218 5.66 2.75 -16.51
C LYS B 218 4.68 3.82 -16.97
N ALA B 219 3.37 3.52 -16.93
CA ALA B 219 2.39 4.50 -17.39
C ALA B 219 2.32 5.70 -16.46
N MET B 220 2.67 5.51 -15.18
CA MET B 220 2.76 6.65 -14.27
C MET B 220 4.00 7.51 -14.51
N GLY B 221 4.89 7.14 -15.42
CA GLY B 221 6.06 7.93 -15.68
C GLY B 221 7.27 7.63 -14.82
N LEU B 222 7.25 6.55 -14.05
CA LEU B 222 8.38 6.18 -13.21
C LEU B 222 9.52 5.62 -14.06
N ASP B 223 10.76 5.83 -13.59
CA ASP B 223 11.92 5.43 -14.37
C ASP B 223 12.46 4.07 -13.99
N ILE B 224 12.55 3.74 -12.70
CA ILE B 224 13.11 2.48 -12.22
C ILE B 224 12.26 1.94 -11.09
N VAL B 225 12.46 0.67 -10.78
CA VAL B 225 11.76 0.01 -9.69
C VAL B 225 12.79 -0.71 -8.82
N ASN B 226 12.58 -0.66 -7.50
CA ASN B 226 13.57 -1.10 -6.52
C ASN B 226 12.83 -1.33 -5.21
N MET B 227 13.48 -2.02 -4.26
CA MET B 227 12.82 -2.42 -3.03
C MET B 227 13.39 -1.79 -1.75
N THR B 228 14.42 -0.93 -1.83
CA THR B 228 15.17 -0.53 -0.64
C THR B 228 15.34 0.98 -0.43
N LEU B 229 15.01 1.81 -1.41
CA LEU B 229 15.25 3.25 -1.28
C LEU B 229 14.49 3.87 -0.11
N VAL B 230 13.24 3.47 0.05
CA VAL B 230 12.33 3.99 1.07
C VAL B 230 12.12 2.93 2.15
N PRO B 231 12.21 3.30 3.45
CA PRO B 231 12.30 4.63 4.07
C PRO B 231 13.71 5.18 4.31
N GLU B 232 14.75 4.55 3.76
CA GLU B 232 16.11 5.03 4.00
C GLU B 232 16.26 6.52 3.68
N VAL B 233 15.77 6.93 2.51
CA VAL B 233 15.89 8.34 2.12
C VAL B 233 15.15 9.24 3.10
N SER B 234 13.98 8.82 3.56
CA SER B 234 13.17 9.65 4.45
C SER B 234 13.81 9.79 5.81
N LEU B 235 14.34 8.70 6.34
CA LEU B 235 14.96 8.72 7.67
C LEU B 235 16.27 9.50 7.68
N ALA B 236 17.01 9.48 6.57
CA ALA B 236 18.20 10.33 6.49
C ALA B 236 17.84 11.80 6.68
N ARG B 237 16.77 12.26 6.04
CA ARG B 237 16.41 13.66 6.22
C ARG B 237 15.91 13.94 7.64
N GLU B 238 15.20 12.96 8.25
CA GLU B 238 14.76 13.11 9.63
C GLU B 238 15.95 13.23 10.58
N ALA B 239 17.03 12.53 10.28
CA ALA B 239 18.24 12.58 11.07
C ALA B 239 19.11 13.80 10.77
N GLY B 240 18.64 14.71 9.91
CA GLY B 240 19.42 15.87 9.54
C GLY B 240 20.64 15.58 8.69
N LEU B 241 20.60 14.53 7.89
CA LEU B 241 21.73 14.14 7.07
C LEU B 241 21.45 14.40 5.58
N SER B 242 22.51 14.73 4.85
CA SER B 242 22.43 14.88 3.39
C SER B 242 22.54 13.51 2.75
N TYR B 243 21.55 13.13 1.95
CA TYR B 243 21.45 11.78 1.41
C TYR B 243 21.31 11.82 -0.11
N ALA B 244 22.02 10.93 -0.80
CA ALA B 244 21.81 10.71 -2.23
C ALA B 244 22.01 9.23 -2.54
N SER B 245 21.24 8.74 -3.52
CA SER B 245 21.29 7.35 -3.94
C SER B 245 21.79 7.26 -5.36
N ILE B 246 22.65 6.29 -5.62
CA ILE B 246 23.01 5.93 -6.98
C ILE B 246 22.38 4.57 -7.27
N ALA B 247 21.44 4.56 -8.20
CA ALA B 247 20.73 3.34 -8.54
C ALA B 247 21.50 2.63 -9.65
N ILE B 248 21.64 1.31 -9.52
CA ILE B 248 22.36 0.52 -10.52
C ILE B 248 21.32 -0.26 -11.31
N VAL B 249 21.18 0.03 -12.60
CA VAL B 249 20.24 -0.73 -13.43
C VAL B 249 20.85 -2.09 -13.70
N THR B 250 20.26 -3.14 -13.11
CA THR B 250 20.74 -4.49 -13.30
C THR B 250 19.88 -5.30 -14.26
N ASP B 251 18.70 -4.79 -14.60
CA ASP B 251 17.74 -5.51 -15.45
C ASP B 251 16.75 -4.52 -16.00
N PHE B 252 16.10 -4.91 -17.08
CA PHE B 252 14.80 -4.33 -17.40
C PHE B 252 13.77 -4.99 -16.51
N ASP B 253 12.87 -4.19 -15.97
CA ASP B 253 11.71 -4.79 -15.35
C ASP B 253 10.91 -5.53 -16.43
N CYS B 254 10.00 -6.37 -16.00
CA CYS B 254 9.46 -7.36 -16.94
C CYS B 254 8.52 -6.76 -18.02
N TRP B 255 8.38 -5.44 -18.15
CA TRP B 255 7.57 -4.87 -19.25
C TRP B 255 8.19 -5.15 -20.61
N LYS B 256 9.51 -5.34 -20.64
CA LYS B 256 10.24 -5.53 -21.88
C LYS B 256 10.52 -7.02 -21.99
N SER B 257 9.48 -7.76 -22.39
CA SER B 257 9.52 -9.21 -22.37
C SER B 257 10.46 -9.78 -23.42
N GLU B 258 10.78 -9.02 -24.46
CA GLU B 258 11.75 -9.46 -25.46
C GLU B 258 13.19 -9.33 -24.99
N GLU B 259 13.41 -9.02 -23.72
CA GLU B 259 14.72 -8.97 -23.12
C GLU B 259 14.86 -10.10 -22.10
N GLU B 260 16.07 -10.25 -21.59
CA GLU B 260 16.34 -11.20 -20.53
C GLU B 260 15.45 -10.89 -19.31
N HIS B 261 14.68 -11.87 -18.87
CA HIS B 261 13.69 -11.63 -17.81
C HIS B 261 14.37 -11.53 -16.45
N VAL B 262 13.93 -10.57 -15.65
CA VAL B 262 14.62 -10.30 -14.39
C VAL B 262 14.56 -11.52 -13.47
N CYS B 263 15.70 -11.84 -12.88
CA CYS B 263 15.81 -12.86 -11.84
C CYS B 263 17.07 -12.54 -11.04
N VAL B 264 17.21 -13.23 -9.90
CA VAL B 264 18.34 -12.95 -9.02
C VAL B 264 19.67 -13.14 -9.76
N ASP B 265 19.77 -14.21 -10.54
CA ASP B 265 21.05 -14.55 -11.17
C ASP B 265 21.48 -13.46 -12.15
N MET B 266 20.54 -12.94 -12.95
CA MET B 266 20.85 -11.85 -13.88
C MET B 266 21.27 -10.58 -13.15
N VAL B 267 20.61 -10.29 -12.02
CA VAL B 267 20.94 -9.07 -11.28
C VAL B 267 22.37 -9.15 -10.76
N LEU B 268 22.73 -10.29 -10.17
CA LEU B 268 24.06 -10.44 -9.61
C LEU B 268 25.13 -10.40 -10.71
N GLU B 269 24.81 -10.96 -11.89
CA GLU B 269 25.76 -10.95 -12.99
C GLU B 269 26.02 -9.54 -13.49
N GLN B 270 24.97 -8.74 -13.67
CA GLN B 270 25.18 -7.37 -14.11
C GLN B 270 25.92 -6.56 -13.06
N PHE B 271 25.57 -6.77 -11.78
CA PHE B 271 26.26 -6.02 -10.73
C PHE B 271 27.76 -6.34 -10.72
N ARG B 272 28.11 -7.59 -10.99
CA ARG B 272 29.52 -7.95 -11.11
C ARG B 272 30.24 -7.12 -12.16
N LYS B 273 29.60 -6.90 -13.32
CA LYS B 273 30.21 -6.13 -14.39
C LYS B 273 30.24 -4.63 -14.10
N SER B 274 29.46 -4.15 -13.12
CA SER B 274 29.36 -2.73 -12.86
C SER B 274 29.98 -2.29 -11.53
N VAL B 275 30.33 -3.23 -10.64
CA VAL B 275 30.61 -2.83 -9.26
C VAL B 275 31.86 -1.95 -9.17
N VAL B 276 32.88 -2.20 -10.00
CA VAL B 276 34.10 -1.41 -9.91
C VAL B 276 33.81 0.05 -10.21
N HIS B 277 32.97 0.31 -11.22
CA HIS B 277 32.65 1.70 -11.53
C HIS B 277 31.78 2.33 -10.44
N VAL B 278 30.91 1.54 -9.80
CA VAL B 278 30.15 2.09 -8.68
C VAL B 278 31.10 2.51 -7.56
N ARG B 279 32.09 1.67 -7.25
CA ARG B 279 33.04 2.02 -6.20
C ARG B 279 33.84 3.26 -6.58
N GLU B 280 34.21 3.39 -7.86
CA GLU B 280 34.95 4.56 -8.30
C GLU B 280 34.16 5.84 -8.08
N ILE B 281 32.87 5.81 -8.41
CA ILE B 281 32.02 6.99 -8.22
C ILE B 281 31.91 7.31 -6.74
N LEU B 282 31.67 6.28 -5.92
CA LEU B 282 31.51 6.49 -4.48
C LEU B 282 32.75 7.12 -3.89
N LEU B 283 33.92 6.53 -4.16
CA LEU B 283 35.17 7.01 -3.57
C LEU B 283 35.49 8.45 -4.02
N GLU B 284 35.22 8.76 -5.29
CA GLU B 284 35.44 10.11 -5.78
C GLU B 284 34.43 11.09 -5.19
N ALA B 285 33.18 10.64 -5.03
CA ALA B 285 32.16 11.50 -4.42
C ALA B 285 32.51 11.83 -2.97
N VAL B 286 33.01 10.85 -2.22
CA VAL B 286 33.45 11.10 -0.85
C VAL B 286 34.52 12.20 -0.84
N ALA B 287 35.49 12.10 -1.75
CA ALA B 287 36.54 13.11 -1.78
C ALA B 287 35.97 14.47 -2.15
N LEU B 288 35.04 14.51 -3.11
CA LEU B 288 34.44 15.78 -3.51
C LEU B 288 33.63 16.41 -2.38
N ILE B 289 32.94 15.59 -1.59
CA ILE B 289 32.21 16.12 -0.43
C ILE B 289 33.18 16.77 0.56
N GLY B 290 34.31 16.12 0.81
CA GLY B 290 35.27 16.71 1.74
C GLY B 290 35.90 17.99 1.26
N ALA B 291 35.90 18.23 -0.04
CA ALA B 291 36.54 19.40 -0.64
C ALA B 291 35.68 20.66 -0.60
N GLU B 292 34.54 20.62 0.08
CA GLU B 292 33.63 21.75 0.10
C GLU B 292 33.21 22.03 1.54
N ASP B 293 32.66 23.22 1.74
CA ASP B 293 32.14 23.63 3.03
C ASP B 293 30.64 23.32 3.09
N TRP B 294 30.21 22.73 4.20
CA TRP B 294 28.82 22.32 4.38
C TRP B 294 28.15 22.99 5.57
N THR B 295 28.78 24.03 6.13
CA THR B 295 28.27 24.63 7.36
C THR B 295 26.80 25.00 7.24
N LYS B 296 26.44 25.75 6.19
CA LYS B 296 25.08 26.23 6.06
C LYS B 296 24.11 25.10 5.72
N THR B 297 24.53 24.16 4.86
CA THR B 297 23.67 23.05 4.50
C THR B 297 23.34 22.18 5.71
N ILE B 298 24.33 21.91 6.55
CA ILE B 298 24.10 21.12 7.76
C ILE B 298 23.20 21.87 8.73
N GLU B 299 23.45 23.17 8.92
CA GLU B 299 22.55 24.00 9.73
C GLU B 299 21.12 23.96 9.17
N ALA B 300 20.98 23.97 7.85
CA ALA B 300 19.65 23.94 7.26
C ALA B 300 18.98 22.57 7.43
N ASN B 301 19.74 21.48 7.23
CA ASN B 301 19.20 20.15 7.49
C ASN B 301 18.65 20.07 8.91
N LYS B 302 19.46 20.52 9.88
CA LYS B 302 19.04 20.47 11.28
C LYS B 302 17.84 21.37 11.53
N ALA B 303 17.82 22.57 10.92
CA ALA B 303 16.70 23.49 11.18
C ALA B 303 15.40 22.95 10.57
N LEU B 304 15.49 22.22 9.45
CA LEU B 304 14.29 21.64 8.87
C LEU B 304 13.65 20.61 9.80
N VAL B 305 14.47 19.78 10.46
CA VAL B 305 13.93 18.85 11.45
C VAL B 305 13.16 19.61 12.52
N MET B 306 13.80 20.62 13.13
CA MET B 306 13.17 21.29 14.26
C MET B 306 11.89 22.01 13.84
N SER B 307 11.88 22.62 12.65
CA SER B 307 10.67 23.31 12.22
C SER B 307 9.58 22.35 11.75
N SER B 308 9.88 21.06 11.60
CA SER B 308 8.86 20.08 11.22
C SER B 308 8.21 19.39 12.43
N ARG B 309 8.68 19.66 13.64
CA ARG B 309 8.05 19.12 14.84
C ARG B 309 6.68 19.77 15.07
N GLN B 310 5.63 18.96 15.11
CA GLN B 310 4.28 19.49 15.26
C GLN B 310 3.70 19.26 16.64
N ASP B 311 4.42 18.57 17.51
CA ASP B 311 4.07 18.54 18.92
C ASP B 311 4.57 19.79 19.65
N LEU B 312 5.69 20.35 19.20
CA LEU B 312 6.33 21.49 19.85
C LEU B 312 5.71 22.82 19.40
N LYS C 24 -33.89 10.67 19.48
CA LYS C 24 -33.16 11.93 19.52
C LYS C 24 -31.74 11.72 19.01
N VAL C 25 -31.02 12.82 18.82
CA VAL C 25 -29.71 12.79 18.20
C VAL C 25 -28.66 13.23 19.21
N LYS C 26 -27.42 12.81 18.97
CA LYS C 26 -26.28 13.31 19.73
C LYS C 26 -25.08 13.32 18.79
N VAL C 27 -24.40 14.46 18.71
CA VAL C 27 -23.38 14.70 17.70
C VAL C 27 -22.01 14.63 18.35
N GLY C 28 -21.22 13.62 17.96
CA GLY C 28 -19.81 13.60 18.29
C GLY C 28 -18.99 14.35 17.26
N ILE C 29 -17.93 14.99 17.71
CA ILE C 29 -17.05 15.79 16.87
C ILE C 29 -15.61 15.35 17.09
N ILE C 30 -14.90 15.05 16.01
CA ILE C 30 -13.48 14.71 16.07
C ILE C 30 -12.70 15.88 15.46
N GLY C 31 -11.97 16.60 16.30
CA GLY C 31 -11.26 17.78 15.85
C GLY C 31 -9.83 17.46 15.47
N GLY C 32 -9.46 17.81 14.25
CA GLY C 32 -8.11 17.57 13.75
C GLY C 32 -7.15 18.67 14.15
N THR C 33 -6.14 18.87 13.29
CA THR C 33 -5.19 19.94 13.52
C THR C 33 -5.93 21.26 13.68
N GLY C 34 -5.50 22.05 14.66
CA GLY C 34 -6.17 23.30 14.98
C GLY C 34 -7.27 23.19 16.01
N PHE C 35 -7.67 21.99 16.40
CA PHE C 35 -8.75 21.79 17.36
C PHE C 35 -8.28 20.96 18.55
N ASP C 36 -7.06 21.20 19.02
CA ASP C 36 -6.56 20.43 20.17
C ASP C 36 -7.31 20.78 21.45
N ASP C 37 -7.75 22.04 21.58
CA ASP C 37 -8.61 22.47 22.68
C ASP C 37 -9.74 23.32 22.09
N PRO C 38 -10.76 22.68 21.53
CA PRO C 38 -11.86 23.44 20.92
C PRO C 38 -12.71 24.13 21.99
N ASN C 39 -13.03 25.39 21.74
CA ASN C 39 -13.97 26.12 22.59
C ASN C 39 -15.32 26.23 21.88
N LEU C 40 -15.93 25.06 21.69
CA LEU C 40 -17.20 24.99 20.97
C LEU C 40 -18.37 25.30 21.88
N PHE C 41 -18.37 24.76 23.10
CA PHE C 41 -19.49 24.95 24.01
C PHE C 41 -18.95 24.90 25.44
N LYS C 42 -19.76 25.40 26.37
CA LYS C 42 -19.40 25.31 27.77
C LYS C 42 -19.33 23.85 28.17
N LYS C 43 -18.21 23.47 28.80
CA LYS C 43 -18.02 22.10 29.26
C LYS C 43 -19.05 21.76 30.34
N VAL C 44 -19.90 20.78 30.05
CA VAL C 44 -20.83 20.27 31.05
C VAL C 44 -20.20 19.13 31.85
N GLY C 45 -19.60 18.17 31.15
CA GLY C 45 -18.95 17.05 31.79
C GLY C 45 -17.85 16.50 30.93
N VAL C 46 -16.96 15.72 31.54
CA VAL C 46 -15.88 15.06 30.82
C VAL C 46 -15.97 13.56 31.08
N ARG C 47 -15.47 12.79 30.14
CA ARG C 47 -15.57 11.34 30.19
C ARG C 47 -14.24 10.74 29.78
N GLN C 48 -13.58 10.06 30.71
CA GLN C 48 -12.35 9.32 30.44
C GLN C 48 -12.74 7.85 30.33
N VAL C 49 -12.89 7.36 29.11
CA VAL C 49 -13.44 6.04 28.86
C VAL C 49 -12.35 5.14 28.27
N THR C 50 -12.62 3.83 28.29
CA THR C 50 -11.83 2.84 27.58
C THR C 50 -12.79 2.00 26.76
N THR C 51 -12.37 1.65 25.55
CA THR C 51 -13.17 0.88 24.61
C THR C 51 -12.64 -0.55 24.55
N PRO C 52 -13.36 -1.46 23.88
CA PRO C 52 -12.77 -2.80 23.63
C PRO C 52 -11.47 -2.73 22.84
N PHE C 53 -11.19 -1.61 22.18
CA PHE C 53 -10.03 -1.48 21.30
C PHE C 53 -8.97 -0.54 21.88
N GLY C 54 -9.06 -0.22 23.17
CA GLY C 54 -8.08 0.62 23.83
C GLY C 54 -8.63 2.01 24.14
N LYS C 55 -7.70 2.91 24.52
CA LYS C 55 -8.04 4.27 24.94
C LYS C 55 -8.20 5.20 23.73
N PRO C 56 -9.20 6.08 23.76
CA PRO C 56 -9.29 7.13 22.74
C PRO C 56 -8.14 8.12 22.86
N SER C 57 -8.05 9.07 21.93
CA SER C 57 -6.92 10.00 21.91
C SER C 57 -6.85 10.85 23.18
N ASP C 58 -7.98 11.13 23.81
CA ASP C 58 -7.99 11.99 24.97
C ASP C 58 -9.34 11.86 25.66
N THR C 59 -9.52 12.64 26.73
CA THR C 59 -10.81 12.76 27.39
C THR C 59 -11.85 13.30 26.42
N LEU C 60 -13.07 12.77 26.51
CA LEU C 60 -14.19 13.27 25.71
C LEU C 60 -14.91 14.35 26.50
N VAL C 61 -15.17 15.50 25.86
CA VAL C 61 -15.83 16.63 26.51
C VAL C 61 -17.29 16.68 26.07
N GLU C 62 -18.19 16.69 27.05
CA GLU C 62 -19.63 16.64 26.82
C GLU C 62 -20.27 18.01 27.05
N GLY C 63 -21.27 18.31 26.25
CA GLY C 63 -22.01 19.54 26.44
C GLY C 63 -23.22 19.57 25.55
N PHE C 64 -23.67 20.79 25.26
CA PHE C 64 -24.87 21.01 24.48
C PHE C 64 -24.67 22.18 23.53
N VAL C 65 -25.28 22.08 22.36
CA VAL C 65 -25.48 23.21 21.46
C VAL C 65 -26.98 23.46 21.45
N GLY C 66 -27.42 24.46 22.20
CA GLY C 66 -28.84 24.62 22.45
C GLY C 66 -29.38 23.40 23.18
N ASP C 67 -30.31 22.70 22.53
CA ASP C 67 -30.94 21.50 23.07
C ASP C 67 -30.21 20.21 22.70
N VAL C 68 -29.19 20.27 21.84
CA VAL C 68 -28.63 19.10 21.19
C VAL C 68 -27.37 18.65 21.92
N ALA C 69 -27.38 17.42 22.42
CA ALA C 69 -26.20 16.85 23.06
C ALA C 69 -25.04 16.73 22.09
N CYS C 70 -23.83 16.99 22.59
CA CYS C 70 -22.65 17.09 21.75
C CYS C 70 -21.44 16.60 22.55
N VAL C 71 -20.50 15.95 21.86
CA VAL C 71 -19.30 15.36 22.45
C VAL C 71 -18.12 15.66 21.53
N VAL C 72 -17.01 16.15 22.09
CA VAL C 72 -15.83 16.52 21.29
C VAL C 72 -14.59 15.84 21.85
N LEU C 73 -13.71 15.38 20.94
CA LEU C 73 -12.40 14.84 21.29
C LEU C 73 -11.39 15.28 20.24
N PRO C 74 -10.16 15.60 20.66
CA PRO C 74 -9.10 15.92 19.69
C PRO C 74 -8.44 14.65 19.15
N ARG C 75 -8.44 14.51 17.81
CA ARG C 75 -7.91 13.31 17.17
C ARG C 75 -6.47 13.03 17.58
N HIS C 76 -5.64 14.07 17.69
CA HIS C 76 -4.23 13.90 18.01
C HIS C 76 -3.96 14.05 19.51
N GLY C 77 -5.00 14.18 20.33
CA GLY C 77 -4.85 14.35 21.76
C GLY C 77 -4.35 15.73 22.12
N LYS C 78 -4.38 16.07 23.41
CA LYS C 78 -3.80 17.33 23.84
C LYS C 78 -2.31 17.33 23.53
N GLY C 79 -1.80 18.47 23.09
CA GLY C 79 -0.40 18.58 22.73
C GLY C 79 -0.05 18.04 21.35
N HIS C 80 -1.00 17.46 20.63
CA HIS C 80 -0.76 16.92 19.30
C HIS C 80 0.42 15.95 19.30
N LEU C 81 0.41 15.01 20.24
CA LEU C 81 1.50 14.06 20.38
C LEU C 81 1.30 12.77 19.59
N ILE C 82 0.11 12.51 19.06
CA ILE C 82 -0.20 11.24 18.41
C ILE C 82 -0.19 11.47 16.90
N PRO C 83 0.74 10.87 16.16
CA PRO C 83 0.78 11.08 14.70
C PRO C 83 -0.36 10.35 14.01
N PRO C 84 -0.67 10.73 12.76
CA PRO C 84 -1.82 10.12 12.06
C PRO C 84 -1.85 8.59 12.07
N SER C 85 -0.71 7.92 11.83
CA SER C 85 -0.73 6.47 11.76
C SER C 85 -0.93 5.79 13.11
N GLU C 86 -0.75 6.51 14.21
CA GLU C 86 -0.87 5.90 15.52
C GLU C 86 -2.17 6.26 16.23
N VAL C 87 -3.00 7.11 15.62
CA VAL C 87 -4.28 7.46 16.21
C VAL C 87 -5.13 6.20 16.35
N ASN C 88 -5.77 6.03 17.51
CA ASN C 88 -6.60 4.85 17.70
C ASN C 88 -7.99 5.16 17.14
N TYR C 89 -8.09 5.06 15.80
CA TYR C 89 -9.36 5.40 15.14
C TYR C 89 -10.50 4.55 15.67
N ARG C 90 -10.25 3.26 15.92
CA ARG C 90 -11.29 2.37 16.42
C ARG C 90 -11.80 2.83 17.77
N ALA C 91 -10.89 3.17 18.69
CA ALA C 91 -11.30 3.60 20.02
C ALA C 91 -12.06 4.93 19.96
N ASN C 92 -11.57 5.88 19.15
CA ASN C 92 -12.24 7.17 19.02
C ASN C 92 -13.69 7.01 18.53
N VAL C 93 -13.86 6.27 17.44
CA VAL C 93 -15.20 6.08 16.90
C VAL C 93 -16.07 5.28 17.86
N TRP C 94 -15.54 4.17 18.39
CA TRP C 94 -16.35 3.34 19.27
C TRP C 94 -16.73 4.07 20.56
N ALA C 95 -15.82 4.88 21.11
CA ALA C 95 -16.14 5.64 22.31
C ALA C 95 -17.30 6.58 22.06
N LEU C 96 -17.33 7.25 20.90
CA LEU C 96 -18.45 8.12 20.58
C LEU C 96 -19.74 7.31 20.41
N LYS C 97 -19.64 6.15 19.77
CA LYS C 97 -20.78 5.25 19.66
C LYS C 97 -21.31 4.85 21.05
N ASP C 98 -20.41 4.50 21.97
CA ASP C 98 -20.82 4.05 23.30
C ASP C 98 -21.51 5.15 24.08
N LEU C 99 -21.16 6.40 23.83
CA LEU C 99 -21.86 7.52 24.44
C LEU C 99 -23.20 7.81 23.78
N GLY C 100 -23.62 6.98 22.82
CA GLY C 100 -24.89 7.18 22.15
C GLY C 100 -24.89 8.19 21.03
N CYS C 101 -23.73 8.56 20.50
CA CYS C 101 -23.71 9.46 19.36
C CYS C 101 -24.42 8.84 18.17
N THR C 102 -25.17 9.66 17.44
CA THR C 102 -25.82 9.26 16.20
C THR C 102 -25.05 9.72 14.97
N HIS C 103 -24.20 10.74 15.13
CA HIS C 103 -23.46 11.39 14.06
C HIS C 103 -22.04 11.66 14.52
N ILE C 104 -21.13 11.73 13.57
CA ILE C 104 -19.78 12.24 13.79
C ILE C 104 -19.47 13.28 12.73
N LEU C 105 -19.09 14.48 13.15
CA LEU C 105 -18.49 15.48 12.29
C LEU C 105 -16.99 15.51 12.56
N ALA C 106 -16.20 15.57 11.50
CA ALA C 106 -14.75 15.52 11.60
C ALA C 106 -14.13 16.66 10.82
N THR C 107 -13.02 17.19 11.31
CA THR C 107 -12.22 18.14 10.55
C THR C 107 -10.92 17.46 10.15
N ASN C 108 -10.37 17.86 9.01
CA ASN C 108 -9.14 17.24 8.49
C ASN C 108 -8.35 18.26 7.69
N ALA C 109 -7.16 18.61 8.15
CA ALA C 109 -6.33 19.55 7.41
C ALA C 109 -5.68 18.84 6.21
N CYS C 110 -5.52 19.57 5.10
CA CYS C 110 -5.15 18.90 3.87
C CYS C 110 -4.35 19.83 2.95
N GLY C 111 -3.73 19.22 1.94
CA GLY C 111 -3.08 19.94 0.87
C GLY C 111 -3.92 19.84 -0.39
N SER C 112 -3.90 20.89 -1.20
CA SER C 112 -4.63 20.88 -2.46
C SER C 112 -3.80 20.28 -3.58
N LEU C 113 -4.47 19.48 -4.42
CA LEU C 113 -3.88 18.89 -5.62
C LEU C 113 -4.33 19.58 -6.91
N GLN C 114 -5.19 20.59 -6.83
CA GLN C 114 -5.82 21.16 -8.02
C GLN C 114 -5.85 22.68 -7.93
N GLU C 115 -5.83 23.32 -9.09
CA GLU C 115 -5.64 24.78 -9.13
C GLU C 115 -6.78 25.52 -8.46
N ASP C 116 -8.00 24.97 -8.51
CA ASP C 116 -9.16 25.66 -7.96
C ASP C 116 -9.34 25.47 -6.47
N LEU C 117 -8.57 24.59 -5.84
CA LEU C 117 -8.63 24.40 -4.39
C LEU C 117 -7.46 25.16 -3.80
N VAL C 118 -7.76 26.26 -3.12
CA VAL C 118 -6.77 27.23 -2.69
C VAL C 118 -6.69 27.21 -1.16
N PRO C 119 -5.50 27.34 -0.55
CA PRO C 119 -5.43 27.49 0.91
C PRO C 119 -6.39 28.54 1.42
N GLY C 120 -7.09 28.20 2.49
CA GLY C 120 -8.20 29.00 2.98
C GLY C 120 -9.57 28.51 2.53
N ASP C 121 -9.63 27.68 1.49
CA ASP C 121 -10.85 26.98 1.11
C ASP C 121 -11.15 25.82 2.06
N PHE C 122 -12.37 25.30 1.95
CA PHE C 122 -12.78 24.08 2.64
C PHE C 122 -13.40 23.12 1.64
N VAL C 123 -13.39 21.83 1.98
CA VAL C 123 -13.96 20.80 1.11
C VAL C 123 -14.86 19.90 1.95
N VAL C 124 -16.11 19.75 1.55
CA VAL C 124 -16.99 18.73 2.13
C VAL C 124 -16.84 17.49 1.26
N LEU C 125 -15.91 16.62 1.65
CA LEU C 125 -15.52 15.46 0.85
C LEU C 125 -16.70 14.53 0.59
N ASN C 126 -16.70 13.92 -0.59
CA ASN C 126 -17.64 12.83 -0.86
C ASN C 126 -16.97 11.56 -1.37
N GLN C 127 -15.66 11.57 -1.62
CA GLN C 127 -14.97 10.38 -2.14
C GLN C 127 -13.57 10.29 -1.55
N PHE C 128 -12.97 9.10 -1.65
CA PHE C 128 -11.58 8.99 -1.25
C PHE C 128 -10.91 7.83 -1.97
N MET C 129 -9.59 7.91 -2.03
CA MET C 129 -8.74 6.81 -2.45
C MET C 129 -7.77 6.51 -1.31
N ASP C 130 -7.72 5.25 -0.89
CA ASP C 130 -7.02 4.84 0.33
C ASP C 130 -5.61 4.38 0.01
N LYS C 131 -4.60 5.07 0.56
CA LYS C 131 -3.22 4.59 0.52
C LYS C 131 -2.63 4.39 1.93
N THR C 132 -3.48 4.22 2.95
CA THR C 132 -2.97 3.93 4.29
C THR C 132 -2.70 2.43 4.46
N TRP C 133 -1.86 2.13 5.44
CA TRP C 133 -1.54 0.76 5.82
C TRP C 133 -1.18 0.76 7.29
N GLY C 134 -1.18 -0.43 7.87
CA GLY C 134 -0.73 -0.61 9.24
C GLY C 134 -1.67 -0.10 10.31
N ARG C 135 -2.83 0.44 9.93
CA ARG C 135 -3.82 0.92 10.88
C ARG C 135 -4.94 -0.10 11.01
N GLU C 136 -5.49 -0.18 12.23
CA GLU C 136 -6.67 -1.02 12.49
C GLU C 136 -7.89 -0.37 11.84
N ASN C 137 -8.36 -0.94 10.73
CA ASN C 137 -9.38 -0.28 9.92
C ASN C 137 -10.75 -0.95 10.00
N THR C 138 -10.92 -1.97 10.84
CA THR C 138 -12.22 -2.60 10.99
C THR C 138 -12.38 -3.02 12.44
N PHE C 139 -13.61 -3.00 12.93
CA PHE C 139 -13.92 -3.51 14.26
C PHE C 139 -14.01 -5.04 14.33
N TYR C 140 -14.13 -5.72 13.18
CA TYR C 140 -14.51 -7.13 13.13
C TYR C 140 -13.45 -7.98 12.44
N GLY C 141 -13.40 -9.25 12.83
CA GLY C 141 -12.40 -10.16 12.31
C GLY C 141 -12.40 -11.47 13.09
N SER C 142 -11.37 -12.27 12.81
CA SER C 142 -11.10 -13.46 13.61
C SER C 142 -9.93 -13.26 14.56
N LYS C 143 -9.24 -12.13 14.46
CA LYS C 143 -8.10 -11.79 15.33
C LYS C 143 -8.55 -11.59 16.78
N PRO C 144 -7.65 -11.85 17.75
CA PRO C 144 -8.03 -11.69 19.16
C PRO C 144 -8.33 -10.26 19.58
N ASP C 145 -7.83 -9.25 18.86
CA ASP C 145 -8.09 -7.86 19.23
C ASP C 145 -9.19 -7.21 18.39
N SER C 146 -10.12 -8.02 17.85
CA SER C 146 -11.29 -7.54 17.15
C SER C 146 -12.54 -8.22 17.68
N LEU C 147 -13.71 -7.62 17.40
CA LEU C 147 -14.98 -8.31 17.60
C LEU C 147 -15.10 -9.46 16.61
N LYS C 148 -15.88 -10.47 16.97
CA LYS C 148 -15.99 -11.66 16.14
C LYS C 148 -16.99 -11.42 15.01
N GLY C 149 -16.57 -11.73 13.80
CA GLY C 149 -17.43 -11.54 12.64
C GLY C 149 -16.63 -11.12 11.42
N VAL C 150 -17.25 -11.26 10.25
CA VAL C 150 -16.68 -10.80 8.99
C VAL C 150 -17.64 -9.77 8.42
N LEU C 151 -17.22 -8.51 8.40
CA LEU C 151 -18.08 -7.40 8.00
C LEU C 151 -17.52 -6.82 6.71
N HIS C 152 -18.32 -6.87 5.63
CA HIS C 152 -17.93 -6.39 4.31
C HIS C 152 -18.87 -5.24 3.95
N MET C 153 -18.46 -4.02 4.33
CA MET C 153 -19.33 -2.84 4.18
C MET C 153 -19.25 -2.29 2.77
N PRO C 154 -20.39 -2.03 2.13
CA PRO C 154 -20.40 -1.19 0.93
C PRO C 154 -19.84 0.19 1.24
N MET C 155 -19.07 0.73 0.29
CA MET C 155 -18.41 2.02 0.48
C MET C 155 -18.41 2.86 -0.79
N ALA C 156 -19.27 2.55 -1.77
CA ALA C 156 -19.29 3.28 -3.04
C ALA C 156 -19.40 4.79 -2.82
N GLU C 157 -20.34 5.21 -1.98
CA GLU C 157 -20.46 6.60 -1.56
C GLU C 157 -20.26 6.59 -0.04
N PRO C 158 -19.03 6.80 0.43
CA PRO C 158 -18.67 6.38 1.79
C PRO C 158 -19.10 7.31 2.92
N PHE C 159 -19.65 8.49 2.65
CA PHE C 159 -20.10 9.43 3.67
C PHE C 159 -21.61 9.37 3.83
N CYS C 160 -22.12 10.02 4.88
CA CYS C 160 -23.57 10.21 5.02
C CYS C 160 -23.98 11.45 4.24
N GLU C 161 -24.77 11.25 3.18
CA GLU C 161 -25.05 12.35 2.27
C GLU C 161 -25.91 13.42 2.93
N ARG C 162 -26.86 13.04 3.78
CA ARG C 162 -27.63 14.03 4.53
C ARG C 162 -26.72 14.89 5.40
N THR C 163 -25.75 14.27 6.07
CA THR C 163 -24.85 15.02 6.93
C THR C 163 -23.89 15.90 6.12
N ARG C 164 -23.46 15.44 4.95
CA ARG C 164 -22.66 16.30 4.06
C ARG C 164 -23.41 17.58 3.72
N GLN C 165 -24.67 17.45 3.27
CA GLN C 165 -25.45 18.61 2.89
C GLN C 165 -25.66 19.55 4.07
N ILE C 166 -25.70 19.01 5.29
CA ILE C 166 -25.86 19.85 6.47
C ILE C 166 -24.61 20.70 6.72
N LEU C 167 -23.41 20.11 6.56
CA LEU C 167 -22.20 20.92 6.69
C LEU C 167 -22.17 22.02 5.63
N ILE C 168 -22.61 21.69 4.42
CA ILE C 168 -22.66 22.68 3.34
C ILE C 168 -23.66 23.78 3.69
N GLN C 169 -24.86 23.39 4.15
CA GLN C 169 -25.85 24.39 4.55
C GLN C 169 -25.36 25.23 5.73
N ALA C 170 -24.67 24.61 6.68
CA ALA C 170 -24.13 25.36 7.81
C ALA C 170 -23.19 26.46 7.33
N ALA C 171 -22.37 26.16 6.31
CA ALA C 171 -21.48 27.17 5.75
C ALA C 171 -22.26 28.32 5.12
N ARG C 172 -23.28 28.00 4.32
CA ARG C 172 -24.19 29.00 3.77
C ARG C 172 -24.76 29.89 4.87
N ASN C 173 -25.26 29.26 5.95
CA ASN C 173 -25.86 30.01 7.05
C ASN C 173 -24.87 30.96 7.69
N LYS C 174 -23.57 30.65 7.61
CA LYS C 174 -22.57 31.54 8.18
C LYS C 174 -21.90 32.41 7.12
N SER C 175 -22.56 32.59 5.97
CA SER C 175 -22.12 33.54 4.93
C SER C 175 -20.77 33.16 4.34
N ILE C 176 -20.52 31.86 4.20
CA ILE C 176 -19.34 31.37 3.50
C ILE C 176 -19.75 30.97 2.09
N ASN C 177 -18.92 31.34 1.10
CA ASN C 177 -19.22 30.96 -0.28
C ASN C 177 -19.24 29.45 -0.41
N VAL C 178 -20.16 28.93 -1.21
CA VAL C 178 -20.26 27.51 -1.52
C VAL C 178 -20.12 27.35 -3.03
N TYR C 179 -19.22 26.48 -3.46
CA TYR C 179 -18.97 26.25 -4.87
C TYR C 179 -19.13 24.77 -5.18
N ASP C 180 -20.00 24.46 -6.14
CA ASP C 180 -20.33 23.09 -6.51
C ASP C 180 -20.03 22.95 -8.00
N LYS C 181 -18.87 22.38 -8.35
CA LYS C 181 -18.48 22.30 -9.75
C LYS C 181 -19.38 21.39 -10.57
N LYS C 182 -20.28 20.63 -9.96
CA LYS C 182 -21.24 19.87 -10.75
C LYS C 182 -22.36 20.76 -11.28
N THR C 183 -22.87 21.66 -10.44
CA THR C 183 -24.06 22.43 -10.75
C THR C 183 -23.79 23.89 -11.04
N MET C 184 -22.54 24.36 -10.91
CA MET C 184 -22.21 25.77 -11.08
C MET C 184 -21.07 25.92 -12.06
N ASP C 185 -21.02 27.06 -12.74
CA ASP C 185 -19.85 27.36 -13.55
C ASP C 185 -18.75 27.92 -12.66
N LYS C 186 -17.57 28.13 -13.26
CA LYS C 186 -16.41 28.55 -12.50
C LYS C 186 -16.58 29.93 -11.87
N SER C 187 -17.54 30.73 -12.32
CA SER C 187 -17.76 32.04 -11.73
C SER C 187 -18.22 31.94 -10.28
N ALA C 188 -18.79 30.81 -9.87
CA ALA C 188 -19.17 30.63 -8.48
C ALA C 188 -17.98 30.31 -7.58
N CYS C 189 -16.80 30.03 -8.16
CA CYS C 189 -15.63 29.63 -7.38
C CYS C 189 -14.91 30.87 -6.91
N ILE C 190 -15.47 31.47 -5.86
CA ILE C 190 -15.00 32.72 -5.28
C ILE C 190 -14.39 32.38 -3.93
N HIS C 191 -13.11 32.69 -3.75
CA HIS C 191 -12.38 32.33 -2.53
C HIS C 191 -12.53 33.32 -1.39
N PRO C 192 -12.51 32.81 -0.13
CA PRO C 192 -12.49 31.38 0.16
C PRO C 192 -13.87 30.77 0.01
N CYS C 193 -13.96 29.49 -0.36
CA CYS C 193 -15.24 28.85 -0.59
C CYS C 193 -15.20 27.43 -0.03
N VAL C 194 -16.38 26.93 0.29
CA VAL C 194 -16.58 25.51 0.58
C VAL C 194 -16.85 24.80 -0.75
N HIS C 195 -15.96 23.88 -1.13
CA HIS C 195 -16.18 23.05 -2.30
C HIS C 195 -17.18 21.96 -1.93
N ALA C 196 -18.29 21.88 -2.68
CA ALA C 196 -19.41 21.07 -2.27
C ALA C 196 -19.20 19.59 -2.52
N GLU C 197 -18.09 19.21 -3.15
CA GLU C 197 -17.71 17.82 -3.32
C GLU C 197 -16.21 17.76 -3.54
N GLY C 198 -15.65 16.57 -3.37
CA GLY C 198 -14.23 16.43 -3.49
C GLY C 198 -13.77 15.04 -3.11
N SER C 199 -12.64 14.66 -3.62
CA SER C 199 -12.05 13.37 -3.34
C SER C 199 -10.70 13.57 -2.68
N ALA C 200 -10.43 12.79 -1.65
CA ALA C 200 -9.17 12.87 -0.93
C ALA C 200 -8.37 11.60 -1.20
N VAL C 201 -7.06 11.73 -1.33
CA VAL C 201 -6.18 10.60 -1.15
C VAL C 201 -5.68 10.65 0.29
N THR C 202 -5.78 9.53 1.00
CA THR C 202 -5.28 9.45 2.37
C THR C 202 -3.96 8.69 2.35
N ILE C 203 -2.89 9.37 2.74
CA ILE C 203 -1.56 8.77 2.81
C ILE C 203 -1.22 8.50 4.26
N ASN C 204 -0.27 7.59 4.49
CA ASN C 204 0.00 7.17 5.87
C ASN C 204 0.77 8.22 6.66
N GLY C 205 1.62 9.01 6.00
CA GLY C 205 2.51 9.91 6.71
C GLY C 205 3.58 9.13 7.46
N PRO C 206 4.32 9.79 8.37
CA PRO C 206 4.14 11.21 8.71
C PRO C 206 4.72 12.19 7.68
N ARG C 207 5.55 11.70 6.76
CA ARG C 207 6.18 12.62 5.82
C ARG C 207 5.16 13.12 4.81
N PHE C 208 5.40 14.32 4.29
CA PHE C 208 4.56 14.81 3.19
C PHE C 208 5.01 14.16 1.88
N SER C 209 4.20 14.36 0.83
CA SER C 209 4.43 13.69 -0.44
C SER C 209 5.62 14.25 -1.18
N THR C 210 6.23 13.42 -2.02
CA THR C 210 7.18 13.93 -3.02
C THR C 210 6.42 14.61 -4.15
N ARG C 211 7.16 15.40 -4.94
CA ARG C 211 6.56 15.99 -6.13
C ARG C 211 6.07 14.92 -7.09
N CYS C 212 6.83 13.84 -7.24
CA CYS C 212 6.40 12.72 -8.09
C CYS C 212 5.09 12.11 -7.61
N GLU C 213 4.99 11.85 -6.30
CA GLU C 213 3.73 11.34 -5.74
C GLU C 213 2.59 12.33 -5.94
N SER C 214 2.85 13.62 -5.69
CA SER C 214 1.81 14.64 -5.83
C SER C 214 1.30 14.70 -7.27
N PHE C 215 2.20 14.68 -8.25
CA PHE C 215 1.78 14.71 -9.65
C PHE C 215 1.00 13.46 -10.03
N ILE C 216 1.39 12.31 -9.49
CA ILE C 216 0.65 11.08 -9.76
C ILE C 216 -0.76 11.15 -9.18
N HIS C 217 -0.90 11.67 -7.95
CA HIS C 217 -2.24 11.78 -7.37
C HIS C 217 -3.09 12.78 -8.14
N LYS C 218 -2.51 13.92 -8.51
CA LYS C 218 -3.20 14.88 -9.36
C LYS C 218 -3.67 14.23 -10.66
N ALA C 219 -2.80 13.44 -11.31
CA ALA C 219 -3.16 12.84 -12.58
C ALA C 219 -4.29 11.83 -12.43
N MET C 220 -4.41 11.19 -11.26
CA MET C 220 -5.55 10.33 -10.98
C MET C 220 -6.85 11.11 -10.78
N GLY C 221 -6.79 12.45 -10.78
CA GLY C 221 -7.97 13.27 -10.59
C GLY C 221 -8.38 13.51 -9.15
N LEU C 222 -7.51 13.24 -8.18
CA LEU C 222 -7.83 13.49 -6.79
C LEU C 222 -7.69 14.97 -6.48
N ASP C 223 -8.49 15.46 -5.52
CA ASP C 223 -8.55 16.89 -5.24
C ASP C 223 -7.64 17.34 -4.10
N ILE C 224 -7.54 16.56 -3.02
CA ILE C 224 -6.74 16.92 -1.86
C ILE C 224 -6.02 15.69 -1.33
N VAL C 225 -5.00 15.93 -0.51
CA VAL C 225 -4.23 14.87 0.14
C VAL C 225 -4.23 15.13 1.64
N ASN C 226 -4.40 14.06 2.42
CA ASN C 226 -4.53 14.17 3.87
C ASN C 226 -4.08 12.85 4.50
N MET C 227 -3.90 12.84 5.81
CA MET C 227 -3.35 11.69 6.51
C MET C 227 -4.30 10.99 7.48
N THR C 228 -5.53 11.49 7.67
CA THR C 228 -6.37 11.07 8.81
C THR C 228 -7.80 10.67 8.46
N LEU C 229 -8.26 10.87 7.23
CA LEU C 229 -9.66 10.56 6.89
C LEU C 229 -9.95 9.06 7.06
N VAL C 230 -9.06 8.23 6.53
CA VAL C 230 -9.22 6.78 6.56
C VAL C 230 -8.29 6.25 7.67
N PRO C 231 -8.77 5.34 8.54
CA PRO C 231 -10.03 4.59 8.49
C PRO C 231 -11.19 5.18 9.27
N GLU C 232 -11.07 6.45 9.68
CA GLU C 232 -12.09 7.07 10.51
C GLU C 232 -13.46 7.04 9.83
N VAL C 233 -13.53 7.40 8.55
CA VAL C 233 -14.79 7.36 7.82
C VAL C 233 -15.31 5.93 7.71
N SER C 234 -14.41 4.96 7.53
CA SER C 234 -14.83 3.58 7.37
C SER C 234 -15.41 3.02 8.66
N LEU C 235 -14.74 3.30 9.78
CA LEU C 235 -15.18 2.77 11.07
C LEU C 235 -16.49 3.41 11.51
N ALA C 236 -16.69 4.69 11.18
CA ALA C 236 -17.96 5.34 11.50
C ALA C 236 -19.13 4.60 10.87
N ARG C 237 -19.00 4.22 9.61
CA ARG C 237 -20.07 3.45 8.96
C ARG C 237 -20.23 2.06 9.58
N GLU C 238 -19.11 1.40 9.90
CA GLU C 238 -19.19 0.13 10.62
C GLU C 238 -19.96 0.27 11.94
N ALA C 239 -19.82 1.42 12.61
CA ALA C 239 -20.47 1.67 13.88
C ALA C 239 -21.93 2.07 13.75
N GLY C 240 -22.47 2.14 12.54
CA GLY C 240 -23.84 2.59 12.39
C GLY C 240 -24.04 4.08 12.54
N LEU C 241 -22.99 4.88 12.37
CA LEU C 241 -23.06 6.32 12.59
C LEU C 241 -23.02 7.08 11.26
N SER C 242 -23.73 8.19 11.20
CA SER C 242 -23.64 9.10 10.06
C SER C 242 -22.41 9.98 10.21
N TYR C 243 -21.57 10.04 9.16
CA TYR C 243 -20.28 10.71 9.26
C TYR C 243 -20.09 11.68 8.11
N ALA C 244 -19.49 12.83 8.40
CA ALA C 244 -19.08 13.75 7.34
C ALA C 244 -17.85 14.52 7.81
N SER C 245 -17.00 14.85 6.84
CA SER C 245 -15.74 15.53 7.07
C SER C 245 -15.77 16.88 6.39
N ILE C 246 -15.28 17.89 7.09
CA ILE C 246 -14.97 19.16 6.46
C ILE C 246 -13.45 19.31 6.45
N ALA C 247 -12.87 19.31 5.25
CA ALA C 247 -11.42 19.43 5.10
C ALA C 247 -11.03 20.90 4.97
N ILE C 248 -9.92 21.27 5.63
CA ILE C 248 -9.39 22.63 5.60
C ILE C 248 -8.17 22.64 4.70
N VAL C 249 -8.24 23.38 3.59
CA VAL C 249 -7.08 23.47 2.70
C VAL C 249 -6.04 24.36 3.36
N THR C 250 -4.93 23.75 3.77
CA THR C 250 -3.85 24.49 4.44
C THR C 250 -2.71 24.85 3.50
N ASP C 251 -2.54 24.11 2.42
CA ASP C 251 -1.40 24.33 1.54
C ASP C 251 -1.74 23.80 0.16
N PHE C 252 -1.01 24.28 -0.84
CA PHE C 252 -0.89 23.57 -2.10
C PHE C 252 0.10 22.44 -1.89
N ASP C 253 -0.30 21.22 -2.21
CA ASP C 253 0.68 20.13 -2.21
C ASP C 253 1.76 20.43 -3.25
N CYS C 254 2.85 19.68 -3.18
CA CYS C 254 4.08 20.13 -3.82
C CYS C 254 4.13 19.92 -5.34
N TRP C 255 3.06 19.41 -5.96
CA TRP C 255 2.96 19.51 -7.42
C TRP C 255 3.14 20.96 -7.88
N LYS C 256 2.73 21.92 -7.05
CA LYS C 256 2.88 23.33 -7.36
C LYS C 256 4.05 23.93 -6.59
N VAL C 262 6.56 31.57 1.20
CA VAL C 262 5.49 31.08 2.06
C VAL C 262 5.89 31.15 3.52
N CYS C 263 5.84 32.36 4.09
CA CYS C 263 6.27 32.56 5.48
C CYS C 263 5.30 31.90 6.45
N VAL C 264 5.85 31.45 7.59
CA VAL C 264 5.05 30.67 8.52
C VAL C 264 4.04 31.55 9.25
N ASP C 265 4.38 32.82 9.46
CA ASP C 265 3.46 33.71 10.20
C ASP C 265 2.19 33.96 9.40
N MET C 266 2.30 34.09 8.08
CA MET C 266 1.11 34.24 7.24
C MET C 266 0.34 32.94 7.13
N VAL C 267 1.04 31.80 7.07
CA VAL C 267 0.36 30.52 7.03
C VAL C 267 -0.44 30.29 8.30
N LEU C 268 0.13 30.66 9.45
CA LEU C 268 -0.57 30.43 10.71
C LEU C 268 -1.74 31.38 10.88
N GLU C 269 -1.58 32.64 10.45
CA GLU C 269 -2.71 33.55 10.46
C GLU C 269 -3.84 33.01 9.59
N GLN C 270 -3.52 32.53 8.40
CA GLN C 270 -4.57 32.00 7.52
C GLN C 270 -5.21 30.76 8.11
N PHE C 271 -4.43 29.89 8.74
CA PHE C 271 -5.03 28.71 9.36
C PHE C 271 -5.95 29.12 10.50
N ARG C 272 -5.51 30.08 11.31
CA ARG C 272 -6.31 30.67 12.37
C ARG C 272 -7.67 31.17 11.87
N LYS C 273 -7.67 31.89 10.74
CA LYS C 273 -8.93 32.34 10.15
C LYS C 273 -9.78 31.15 9.70
N SER C 274 -9.13 30.13 9.13
CA SER C 274 -9.88 28.94 8.71
C SER C 274 -10.53 28.25 9.89
N VAL C 275 -9.83 28.19 11.04
CA VAL C 275 -10.36 27.52 12.22
C VAL C 275 -11.60 28.24 12.73
N VAL C 276 -11.59 29.58 12.70
CA VAL C 276 -12.79 30.33 13.08
C VAL C 276 -13.98 29.92 12.23
N HIS C 277 -13.78 29.87 10.91
CA HIS C 277 -14.85 29.48 10.01
C HIS C 277 -15.35 28.08 10.32
N VAL C 278 -14.43 27.14 10.54
CA VAL C 278 -14.81 25.75 10.76
C VAL C 278 -15.56 25.59 12.09
N ARG C 279 -15.11 26.32 13.13
CA ARG C 279 -15.84 26.34 14.39
C ARG C 279 -17.28 26.77 14.19
N GLU C 280 -17.49 27.84 13.41
CA GLU C 280 -18.84 28.31 13.14
C GLU C 280 -19.65 27.28 12.36
N ILE C 281 -19.02 26.64 11.37
CA ILE C 281 -19.70 25.60 10.61
C ILE C 281 -20.17 24.48 11.53
N LEU C 282 -19.28 24.03 12.44
CA LEU C 282 -19.60 22.88 13.28
C LEU C 282 -20.76 23.18 14.22
N LEU C 283 -20.67 24.29 14.96
CA LEU C 283 -21.74 24.67 15.88
C LEU C 283 -23.07 24.79 15.15
N GLU C 284 -23.07 25.44 13.99
CA GLU C 284 -24.30 25.56 13.21
C GLU C 284 -24.77 24.20 12.70
N ALA C 285 -23.82 23.33 12.33
CA ALA C 285 -24.17 22.00 11.83
C ALA C 285 -24.83 21.14 12.90
N VAL C 286 -24.40 21.28 14.16
CA VAL C 286 -25.02 20.51 15.24
C VAL C 286 -26.47 20.93 15.41
N ALA C 287 -26.73 22.24 15.40
CA ALA C 287 -28.10 22.72 15.51
C ALA C 287 -28.94 22.24 14.33
N LEU C 288 -28.35 22.24 13.13
CA LEU C 288 -29.08 21.78 11.95
C LEU C 288 -29.45 20.32 12.08
N ILE C 289 -28.52 19.50 12.57
CA ILE C 289 -28.78 18.07 12.77
C ILE C 289 -29.91 17.89 13.77
N GLY C 290 -29.89 18.64 14.87
CA GLY C 290 -30.91 18.50 15.90
C GLY C 290 -32.30 18.91 15.44
N ALA C 291 -32.41 19.64 14.35
CA ALA C 291 -33.69 20.15 13.88
C ALA C 291 -34.41 19.21 12.92
N GLU C 292 -33.80 18.10 12.53
CA GLU C 292 -34.44 17.15 11.63
C GLU C 292 -34.66 15.82 12.34
N ASP C 293 -35.59 15.03 11.79
CA ASP C 293 -35.78 13.66 12.25
C ASP C 293 -34.79 12.75 11.55
N TRP C 294 -34.20 11.83 12.32
CA TRP C 294 -33.23 10.89 11.77
C TRP C 294 -33.61 9.44 12.00
N THR C 295 -34.86 9.16 12.38
CA THR C 295 -35.31 7.80 12.69
C THR C 295 -34.94 6.82 11.58
N LYS C 296 -35.39 7.10 10.35
CA LYS C 296 -35.22 6.15 9.25
C LYS C 296 -33.77 6.06 8.83
N THR C 297 -33.03 7.17 8.84
CA THR C 297 -31.62 7.14 8.50
C THR C 297 -30.85 6.28 9.49
N ILE C 298 -31.13 6.45 10.78
CA ILE C 298 -30.42 5.69 11.80
C ILE C 298 -30.73 4.20 11.69
N GLU C 299 -32.02 3.87 11.50
CA GLU C 299 -32.40 2.48 11.25
C GLU C 299 -31.68 1.91 10.02
N ALA C 300 -31.58 2.69 8.95
CA ALA C 300 -30.87 2.24 7.75
C ALA C 300 -29.38 2.05 8.02
N ASN C 301 -28.77 2.98 8.77
CA ASN C 301 -27.37 2.84 9.17
C ASN C 301 -27.13 1.52 9.89
N LYS C 302 -27.99 1.18 10.86
CA LYS C 302 -27.83 -0.05 11.62
C LYS C 302 -28.13 -1.28 10.76
N ALA C 303 -29.15 -1.19 9.91
CA ALA C 303 -29.46 -2.32 9.04
C ALA C 303 -28.34 -2.60 8.04
N LEU C 304 -27.62 -1.57 7.59
CA LEU C 304 -26.52 -1.81 6.66
C LEU C 304 -25.39 -2.60 7.32
N VAL C 305 -25.14 -2.35 8.59
CA VAL C 305 -24.16 -3.14 9.32
C VAL C 305 -24.59 -4.60 9.39
N MET C 306 -25.85 -4.86 9.78
CA MET C 306 -26.30 -6.23 9.97
C MET C 306 -26.27 -7.02 8.66
N SER C 307 -26.73 -6.41 7.57
CA SER C 307 -26.73 -7.09 6.28
C SER C 307 -25.32 -7.26 5.70
N SER C 308 -24.32 -6.58 6.24
CA SER C 308 -22.94 -6.73 5.77
C SER C 308 -22.17 -7.81 6.52
N ARG C 309 -22.80 -8.54 7.44
CA ARG C 309 -22.13 -9.60 8.19
C ARG C 309 -22.22 -10.89 7.39
N GLN C 310 -21.12 -11.26 6.72
CA GLN C 310 -21.13 -12.49 5.93
C GLN C 310 -21.18 -13.72 6.82
N ASP C 311 -20.53 -13.67 7.99
CA ASP C 311 -20.51 -14.84 8.88
C ASP C 311 -21.90 -15.17 9.40
N LEU C 312 -22.81 -14.20 9.41
CA LEU C 312 -24.21 -14.46 9.72
C LEU C 312 -24.98 -14.74 8.44
CS MTA D . -18.84 -11.95 0.34
S5' MTA D . -18.51 -10.59 -0.55
C5' MTA D . -16.76 -10.29 -0.32
C4' MTA D . -15.95 -11.50 -0.79
O4' MTA D . -16.19 -11.52 -2.17
C2' MTA D . -14.02 -10.84 -1.96
O2' MTA D . -12.88 -11.47 -2.42
C3' MTA D . -14.55 -11.30 -0.63
O3' MTA D . -13.92 -12.43 -0.03
C1' MTA D . -15.08 -11.07 -2.94
N9 MTA D . -15.55 -10.01 -3.75
C8 MTA D . -16.64 -10.05 -4.47
N7 MTA D . -16.86 -8.94 -5.05
C5 MTA D . -15.88 -8.08 -4.71
C6 MTA D . -15.59 -6.71 -5.04
N6 MTA D . -16.45 -5.94 -5.92
N1 MTA D . -14.56 -6.20 -4.52
C2 MTA D . -13.83 -6.93 -3.75
N3 MTA D . -14.00 -8.18 -3.42
C4 MTA D . -15.05 -8.79 -3.86
S SO4 E . -13.29 -15.15 -2.01
O1 SO4 E . -13.96 -16.06 -2.97
O2 SO4 E . -14.21 -14.24 -1.29
O3 SO4 E . -12.51 -16.01 -1.10
O4 SO4 E . -12.33 -14.33 -2.78
CS MTA F . 18.69 -9.55 -6.26
S5' MTA F . 17.46 -8.84 -7.14
C5' MTA F . 16.49 -7.95 -5.98
C4' MTA F . 17.31 -6.90 -5.21
O4' MTA F . 17.80 -5.94 -6.14
C2' MTA F . 15.95 -5.03 -5.15
O2' MTA F . 15.97 -3.84 -4.46
C3' MTA F . 16.46 -6.18 -4.31
O3' MTA F . 17.14 -5.78 -3.13
C1' MTA F . 16.79 -4.95 -6.35
N9 MTA F . 16.15 -5.07 -7.64
C8 MTA F . 16.71 -5.37 -8.77
N7 MTA F . 15.91 -5.40 -9.76
C5 MTA F . 14.69 -5.15 -9.26
C6 MTA F . 13.39 -5.06 -9.87
N6 MTA F . 13.19 -5.29 -11.29
N1 MTA F . 12.41 -4.76 -9.09
C2 MTA F . 12.64 -4.57 -7.84
N3 MTA F . 13.78 -4.61 -7.24
C4 MTA F . 14.85 -4.93 -7.92
S SO4 G . 19.41 -3.38 -3.04
O1 SO4 G . 18.98 -4.76 -3.39
O2 SO4 G . 18.28 -2.50 -3.36
O3 SO4 G . 19.74 -3.29 -1.61
O4 SO4 G . 20.58 -2.91 -3.81
CS MTA H . 0.21 19.28 11.90
S5' MTA H . 0.73 19.06 10.30
C5' MTA H . 0.31 17.39 9.80
C4' MTA H . -1.18 17.29 9.40
O4' MTA H . -1.37 17.96 8.20
C2' MTA H . -2.27 15.96 7.79
O2' MTA H . -3.51 15.31 7.88
C3' MTA H . -1.61 15.95 9.16
O3' MTA H . -2.40 15.51 10.27
C1' MTA H . -2.40 17.36 7.43
N9 MTA H . -2.02 17.87 6.13
C8 MTA H . -1.99 19.18 5.78
N7 MTA H . -1.52 19.33 4.57
C5 MTA H . -1.20 18.08 4.15
C6 MTA H . -0.64 17.57 2.93
N6 MTA H . -0.27 18.49 1.84
N1 MTA H . -0.46 16.29 2.82
C2 MTA H . -0.78 15.54 3.81
N3 MTA H . -1.30 15.90 4.93
C4 MTA H . -1.52 17.18 5.15
S SO4 I . -5.60 16.44 10.61
O1 SO4 I . -5.93 15.61 11.79
O2 SO4 I . -6.41 17.67 10.70
O3 SO4 I . -4.15 16.68 10.58
O4 SO4 I . -5.96 15.71 9.40
#